data_3MCZ
#
_entry.id   3MCZ
#
_cell.length_a   41.252
_cell.length_b   136.595
_cell.length_c   56.080
_cell.angle_alpha   90.000
_cell.angle_beta   102.550
_cell.angle_gamma   90.000
#
_symmetry.space_group_name_H-M   'P 1 21 1'
#
loop_
_entity.id
_entity.type
_entity.pdbx_description
1 polymer O-methyltransferase
2 non-polymer GLYCEROL
3 water water
#
_entity_poly.entity_id   1
_entity_poly.type   'polypeptide(L)'
_entity_poly.pdbx_seq_one_letter_code
;SNA(MSE)NASAVETIYESTEDKAALTSVVDLVKLSDQYRQSAILHYAVADKLFDLTQTGRTPAEVAASFG(MSE)VEGK
AAILLHALAALGLLTKEGDAFRNTALTERYLTTTSADYIGPIVEHQYLQWDNWPRLGEILRSEKPLAFQQESRFAHDTRA
RDAFNDA(MSE)VRLSQP(MSE)VDVVSELGVFARARTVIDLAGGHGTYLAQVLRRHPQLTGQIWDLPTTRDAARKTIHA
HDLGGRVEFFEKNLLDARNFEGGAADVV(MSE)LNDCLHYFDAREAREVIGHAAGLVKPGGALLILT(MSE)T(MSE)ND
DRVTPALSADFSLH(MSE)(MSE)VNTNHGELHPTPWIAGVVRDAGLAVGERSIGRYTLLIGQRSSGE
;
_entity_poly.pdbx_strand_id   A,B
#
# COMPACT_ATOMS: atom_id res chain seq x y z
N THR A 11 -11.86 -16.15 -4.93
CA THR A 11 -10.62 -16.89 -4.59
C THR A 11 -9.39 -16.24 -5.24
N ILE A 12 -8.30 -16.08 -4.48
CA ILE A 12 -7.17 -15.25 -4.90
C ILE A 12 -6.48 -15.80 -6.16
N TYR A 13 -6.39 -17.14 -6.22
CA TYR A 13 -5.82 -17.87 -7.36
C TYR A 13 -6.51 -17.58 -8.71
N GLU A 14 -7.74 -17.04 -8.69
CA GLU A 14 -8.51 -16.74 -9.93
C GLU A 14 -7.67 -15.88 -10.89
N SER A 15 -7.90 -16.07 -12.19
CA SER A 15 -6.98 -15.55 -13.22
C SER A 15 -6.85 -14.02 -13.26
N THR A 16 -5.89 -13.52 -14.03
CA THR A 16 -5.55 -12.10 -14.07
C THR A 16 -5.24 -11.54 -15.48
N GLU A 17 -5.37 -10.23 -15.60
CA GLU A 17 -5.22 -9.49 -16.86
C GLU A 17 -3.81 -9.50 -17.45
N ASP A 18 -3.72 -9.51 -18.77
CA ASP A 18 -2.44 -9.32 -19.44
C ASP A 18 -1.77 -7.97 -19.09
N LYS A 19 -2.60 -6.92 -18.97
CA LYS A 19 -2.11 -5.55 -18.82
C LYS A 19 -2.51 -4.94 -17.46
N ALA A 20 -1.57 -4.22 -16.83
CA ALA A 20 -1.80 -3.51 -15.56
C ALA A 20 -1.17 -2.10 -15.60
N ALA A 21 -1.08 -1.51 -16.79
CA ALA A 21 -0.36 -0.25 -16.95
C ALA A 21 -1.08 0.92 -16.24
N LEU A 22 -0.29 1.78 -15.58
CA LEU A 22 -0.79 3.10 -15.12
C LEU A 22 -0.87 4.00 -16.34
N THR A 23 -1.95 4.76 -16.46
CA THR A 23 -2.14 5.55 -17.66
C THR A 23 -2.58 6.97 -17.37
N SER A 24 -2.45 7.42 -16.12
CA SER A 24 -2.81 8.79 -15.77
C SER A 24 -2.01 9.18 -14.53
N VAL A 25 -1.76 10.47 -14.37
CA VAL A 25 -1.05 10.97 -13.21
C VAL A 25 -1.85 10.76 -11.92
N VAL A 26 -3.18 10.83 -12.01
CA VAL A 26 -4.03 10.51 -10.86
C VAL A 26 -3.72 9.07 -10.35
N ASP A 27 -3.67 8.11 -11.27
CA ASP A 27 -3.42 6.73 -10.91
C ASP A 27 -2.01 6.57 -10.33
N LEU A 28 -1.07 7.37 -10.81
CA LEU A 28 0.29 7.40 -10.29
C LEU A 28 0.40 7.88 -8.82
N VAL A 29 -0.24 9.02 -8.53
CA VAL A 29 -0.27 9.51 -7.14
C VAL A 29 -1.03 8.54 -6.22
N LYS A 30 -2.11 7.94 -6.72
CA LYS A 30 -2.88 6.96 -5.94
C LYS A 30 -2.02 5.75 -5.61
N LEU A 31 -1.25 5.29 -6.59
CA LEU A 31 -0.37 4.14 -6.37
C LEU A 31 0.70 4.42 -5.31
N SER A 32 1.30 5.60 -5.36
CA SER A 32 2.30 6.01 -4.39
C SER A 32 1.74 6.15 -2.98
N ASP A 33 0.44 6.37 -2.90
CA ASP A 33 -0.27 6.66 -1.63
C ASP A 33 -0.97 5.43 -1.04
N GLN A 34 -1.13 4.37 -1.85
CA GLN A 34 -2.04 3.30 -1.51
C GLN A 34 -1.59 2.43 -0.35
N TYR A 35 -0.31 2.53 0.03
CA TYR A 35 0.18 1.77 1.16
C TYR A 35 -0.60 2.10 2.44
N ARG A 36 -1.12 3.30 2.56
CA ARG A 36 -1.80 3.68 3.81
C ARG A 36 -2.93 2.75 4.16
N GLN A 37 -3.74 2.38 3.17
CA GLN A 37 -4.87 1.49 3.42
C GLN A 37 -4.40 0.13 3.96
N SER A 38 -3.29 -0.40 3.44
CA SER A 38 -2.70 -1.64 3.98
C SER A 38 -2.45 -1.51 5.46
N ALA A 39 -1.77 -0.41 5.82
CA ALA A 39 -1.36 -0.19 7.22
C ALA A 39 -2.56 -0.13 8.17
N ILE A 40 -3.66 0.49 7.70
CA ILE A 40 -4.90 0.59 8.50
C ILE A 40 -5.45 -0.82 8.81
N LEU A 41 -5.59 -1.65 7.77
CA LEU A 41 -6.04 -3.00 7.97
C LEU A 41 -5.09 -3.81 8.81
N HIS A 42 -3.78 -3.67 8.56
CA HIS A 42 -2.79 -4.36 9.34
C HIS A 42 -2.98 -4.04 10.80
N TYR A 43 -3.17 -2.76 11.12
CA TYR A 43 -3.33 -2.33 12.52
C TYR A 43 -4.58 -2.97 13.17
N ALA A 44 -5.72 -2.90 12.46
CA ALA A 44 -6.98 -3.35 13.02
C ALA A 44 -6.92 -4.85 13.32
N VAL A 45 -6.24 -5.58 12.46
CA VAL A 45 -6.09 -7.02 12.59
C VAL A 45 -5.12 -7.35 13.74
N ALA A 46 -3.99 -6.63 13.81
CA ALA A 46 -2.94 -6.89 14.83
C ALA A 46 -3.41 -6.66 16.24
N ASP A 47 -4.18 -5.59 16.43
CA ASP A 47 -4.70 -5.26 17.75
C ASP A 47 -6.03 -5.98 18.01
N LYS A 48 -6.46 -6.83 17.09
CA LYS A 48 -7.71 -7.60 17.21
C LYS A 48 -8.94 -6.70 17.53
N LEU A 49 -9.03 -5.57 16.86
CA LEU A 49 -10.12 -4.63 17.10
CA LEU A 49 -10.13 -4.63 17.11
C LEU A 49 -11.47 -5.27 16.75
N PHE A 50 -11.49 -6.08 15.72
CA PHE A 50 -12.75 -6.64 15.21
C PHE A 50 -13.37 -7.73 16.10
N ASP A 51 -12.59 -8.25 17.03
CA ASP A 51 -13.10 -9.15 18.03
C ASP A 51 -13.97 -8.37 19.01
N LEU A 52 -13.58 -7.13 19.32
CA LEU A 52 -14.39 -6.28 20.21
C LEU A 52 -15.72 -5.88 19.56
N THR A 53 -15.67 -5.57 18.27
CA THR A 53 -16.82 -5.09 17.53
C THR A 53 -17.70 -6.21 16.95
N GLN A 54 -17.54 -7.44 17.43
CA GLN A 54 -18.50 -8.52 17.12
C GLN A 54 -19.89 -8.15 17.62
N THR A 55 -19.93 -7.34 18.66
CA THR A 55 -21.15 -6.66 19.01
C THR A 55 -20.95 -5.14 19.00
N GLY A 56 -22.03 -4.40 18.90
CA GLY A 56 -21.95 -2.97 18.72
C GLY A 56 -21.20 -2.25 19.84
N ARG A 57 -20.28 -1.35 19.47
CA ARG A 57 -19.57 -0.56 20.44
C ARG A 57 -19.52 0.90 20.03
N THR A 58 -19.61 1.79 21.03
CA THR A 58 -19.39 3.24 20.82
C THR A 58 -17.89 3.52 20.83
N PRO A 59 -17.47 4.66 20.27
CA PRO A 59 -16.05 5.04 20.38
C PRO A 59 -15.57 5.13 21.83
N ALA A 60 -16.41 5.62 22.75
CA ALA A 60 -16.08 5.60 24.18
C ALA A 60 -15.74 4.20 24.68
N GLU A 61 -16.54 3.20 24.30
CA GLU A 61 -16.33 1.82 24.73
C GLU A 61 -15.07 1.22 24.11
N VAL A 62 -14.88 1.43 22.80
CA VAL A 62 -13.65 0.98 22.15
C VAL A 62 -12.43 1.60 22.83
N ALA A 63 -12.50 2.91 23.10
CA ALA A 63 -11.39 3.67 23.67
C ALA A 63 -11.06 3.19 25.07
N ALA A 64 -12.10 2.94 25.86
CA ALA A 64 -11.90 2.44 27.24
C ALA A 64 -11.22 1.07 27.20
N SER A 65 -11.67 0.20 26.30
CA SER A 65 -11.11 -1.16 26.18
C SER A 65 -9.65 -1.17 25.82
N PHE A 66 -9.28 -0.32 24.86
CA PHE A 66 -7.94 -0.32 24.29
C PHE A 66 -7.03 0.77 24.86
N GLY A 67 -7.56 1.61 25.74
CA GLY A 67 -6.78 2.72 26.26
C GLY A 67 -6.46 3.80 25.23
N VAL A 69 -7.41 7.54 23.13
CA VAL A 69 -8.12 8.79 23.14
C VAL A 69 -9.45 8.60 22.39
N GLU A 70 -10.55 8.94 23.05
CA GLU A 70 -11.87 8.72 22.49
C GLU A 70 -12.03 9.36 21.12
N GLY A 71 -11.62 10.61 20.99
CA GLY A 71 -11.76 11.31 19.72
C GLY A 71 -11.01 10.65 18.58
N LYS A 72 -9.83 10.12 18.88
CA LYS A 72 -9.02 9.40 17.89
C LYS A 72 -9.59 8.04 17.55
N ALA A 73 -10.12 7.33 18.54
CA ALA A 73 -10.79 6.06 18.27
C ALA A 73 -11.95 6.27 17.34
N ALA A 74 -12.70 7.36 17.54
CA ALA A 74 -13.82 7.73 16.65
C ALA A 74 -13.35 7.92 15.21
N ILE A 75 -12.25 8.63 15.02
CA ILE A 75 -11.71 8.83 13.68
C ILE A 75 -11.38 7.46 12.99
N LEU A 76 -10.75 6.55 13.74
CA LEU A 76 -10.42 5.26 13.19
C LEU A 76 -11.69 4.48 12.84
N LEU A 77 -12.66 4.50 13.75
CA LEU A 77 -13.84 3.67 13.55
C LEU A 77 -14.60 4.16 12.33
N HIS A 78 -14.70 5.48 12.19
CA HIS A 78 -15.30 6.07 10.99
C HIS A 78 -14.60 5.66 9.71
N ALA A 79 -13.27 5.66 9.69
CA ALA A 79 -12.55 5.22 8.51
C ALA A 79 -12.76 3.73 8.20
N LEU A 80 -12.83 2.90 9.25
CA LEU A 80 -13.14 1.47 9.08
C LEU A 80 -14.56 1.23 8.55
N ALA A 81 -15.51 2.04 9.01
CA ALA A 81 -16.87 1.97 8.52
C ALA A 81 -16.92 2.34 7.02
N ALA A 82 -16.25 3.42 6.68
CA ALA A 82 -16.15 3.88 5.29
C ALA A 82 -15.51 2.84 4.39
N LEU A 83 -14.55 2.08 4.91
CA LEU A 83 -13.96 0.95 4.17
C LEU A 83 -14.88 -0.25 3.95
N GLY A 84 -16.01 -0.32 4.66
CA GLY A 84 -16.93 -1.46 4.58
C GLY A 84 -16.62 -2.54 5.60
N LEU A 85 -15.81 -2.20 6.59
CA LEU A 85 -15.42 -3.15 7.62
C LEU A 85 -16.29 -3.08 8.86
N LEU A 86 -16.97 -1.95 9.05
CA LEU A 86 -17.90 -1.75 10.14
C LEU A 86 -19.16 -1.08 9.64
N THR A 87 -20.23 -1.26 10.41
CA THR A 87 -21.51 -0.60 10.17
C THR A 87 -21.75 0.29 11.36
N LYS A 88 -21.98 1.58 11.11
CA LYS A 88 -22.35 2.51 12.18
C LYS A 88 -23.87 2.54 12.32
N GLU A 89 -24.38 2.13 13.48
CA GLU A 89 -25.81 2.20 13.80
C GLU A 89 -26.02 3.10 14.99
N GLY A 90 -26.61 4.27 14.78
CA GLY A 90 -26.68 5.30 15.82
C GLY A 90 -25.28 5.78 16.08
N ASP A 91 -24.82 5.66 17.33
CA ASP A 91 -23.42 5.96 17.68
C ASP A 91 -22.55 4.71 17.84
N ALA A 92 -23.08 3.53 17.52
CA ALA A 92 -22.36 2.27 17.72
C ALA A 92 -21.81 1.69 16.41
N PHE A 93 -20.70 0.98 16.52
CA PHE A 93 -20.05 0.34 15.40
C PHE A 93 -19.98 -1.15 15.65
N ARG A 94 -20.36 -1.90 14.62
CA ARG A 94 -20.32 -3.36 14.66
CA ARG A 94 -20.38 -3.35 14.64
C ARG A 94 -19.79 -3.89 13.33
N ASN A 95 -19.24 -5.09 13.37
CA ASN A 95 -18.68 -5.74 12.19
C ASN A 95 -19.67 -5.97 11.10
N THR A 96 -19.21 -5.75 9.87
CA THR A 96 -19.96 -6.18 8.69
C THR A 96 -19.79 -7.68 8.49
N ALA A 97 -20.58 -8.22 7.55
CA ALA A 97 -20.53 -9.65 7.23
C ALA A 97 -19.11 -10.07 6.85
N LEU A 98 -18.49 -9.33 5.94
CA LEU A 98 -17.11 -9.61 5.53
C LEU A 98 -16.15 -9.67 6.74
N THR A 99 -16.20 -8.65 7.57
CA THR A 99 -15.35 -8.60 8.74
C THR A 99 -15.62 -9.77 9.68
N GLU A 100 -16.90 -10.06 9.92
CA GLU A 100 -17.20 -11.13 10.85
C GLU A 100 -16.63 -12.46 10.34
N ARG A 101 -16.77 -12.71 9.04
CA ARG A 101 -16.34 -13.97 8.49
C ARG A 101 -14.81 -14.12 8.42
N TYR A 102 -14.11 -13.07 8.03
CA TYR A 102 -12.67 -13.23 7.70
C TYR A 102 -11.71 -12.56 8.66
N LEU A 103 -12.22 -11.67 9.52
CA LEU A 103 -11.32 -10.83 10.34
C LEU A 103 -11.55 -10.98 11.84
N THR A 104 -12.36 -11.96 12.24
CA THR A 104 -12.55 -12.29 13.64
C THR A 104 -11.75 -13.56 13.97
N THR A 105 -11.02 -13.53 15.09
CA THR A 105 -10.08 -14.60 15.42
C THR A 105 -10.76 -15.98 15.61
N THR A 106 -12.03 -15.95 15.97
CA THR A 106 -12.78 -17.16 16.23
C THR A 106 -13.38 -17.76 14.96
N SER A 107 -13.26 -17.09 13.82
CA SER A 107 -13.91 -17.61 12.61
C SER A 107 -13.06 -18.67 11.98
N ALA A 108 -13.71 -19.76 11.55
CA ALA A 108 -13.05 -20.78 10.76
C ALA A 108 -12.40 -20.23 9.47
N ASP A 109 -12.89 -19.09 8.98
CA ASP A 109 -12.38 -18.50 7.75
C ASP A 109 -11.42 -17.35 8.01
N TYR A 110 -11.01 -17.17 9.25
CA TYR A 110 -10.12 -16.06 9.64
C TYR A 110 -8.88 -15.99 8.77
N ILE A 111 -8.58 -14.82 8.20
CA ILE A 111 -7.36 -14.66 7.37
C ILE A 111 -6.21 -13.98 8.12
N GLY A 112 -6.25 -14.03 9.45
CA GLY A 112 -5.19 -13.41 10.25
C GLY A 112 -3.79 -13.72 9.76
N PRO A 113 -3.47 -15.03 9.59
CA PRO A 113 -2.10 -15.38 9.21
C PRO A 113 -1.62 -14.72 7.91
N ILE A 114 -2.50 -14.59 6.93
CA ILE A 114 -2.19 -13.95 5.66
C ILE A 114 -1.85 -12.48 5.92
N VAL A 115 -2.74 -11.79 6.66
CA VAL A 115 -2.52 -10.38 6.97
C VAL A 115 -1.22 -10.16 7.74
N GLU A 116 -0.94 -11.03 8.70
CA GLU A 116 0.24 -10.96 9.54
C GLU A 116 1.52 -11.19 8.73
N HIS A 117 1.46 -12.16 7.82
CA HIS A 117 2.58 -12.44 6.96
C HIS A 117 2.88 -11.18 6.12
N GLN A 118 1.83 -10.56 5.60
CA GLN A 118 1.97 -9.35 4.80
C GLN A 118 2.50 -8.16 5.62
N TYR A 119 1.94 -7.88 6.78
CA TYR A 119 2.48 -6.74 7.52
C TYR A 119 3.87 -6.94 8.06
N LEU A 120 4.26 -8.19 8.25
CA LEU A 120 5.64 -8.47 8.66
C LEU A 120 6.71 -8.16 7.58
N GLN A 121 6.30 -7.90 6.33
CA GLN A 121 7.28 -7.52 5.30
C GLN A 121 7.36 -5.99 5.07
N TRP A 122 6.66 -5.21 5.91
CA TRP A 122 6.56 -3.77 5.70
C TRP A 122 7.91 -3.06 5.60
N ASP A 123 8.80 -3.42 6.51
CA ASP A 123 10.12 -2.79 6.55
C ASP A 123 11.08 -3.30 5.48
N ASN A 124 10.76 -4.40 4.80
CA ASN A 124 11.70 -4.93 3.82
C ASN A 124 11.63 -4.21 2.46
N TRP A 125 10.41 -3.79 2.09
CA TRP A 125 10.15 -3.21 0.78
C TRP A 125 10.89 -1.91 0.48
N PRO A 126 11.02 -0.99 1.46
CA PRO A 126 11.82 0.19 1.23
C PRO A 126 13.31 -0.11 1.10
N ARG A 127 13.72 -1.37 1.32
CA ARG A 127 15.13 -1.72 1.22
C ARG A 127 15.44 -2.37 -0.10
N LEU A 128 14.56 -2.17 -1.09
CA LEU A 128 14.79 -2.65 -2.41
C LEU A 128 16.15 -2.34 -2.95
N GLY A 129 16.61 -1.11 -2.78
CA GLY A 129 17.92 -0.67 -3.29
C GLY A 129 19.07 -1.55 -2.80
N GLU A 130 18.99 -2.00 -1.54
CA GLU A 130 20.03 -2.88 -0.99
C GLU A 130 19.97 -4.28 -1.60
N ILE A 131 18.77 -4.79 -1.77
CA ILE A 131 18.54 -6.14 -2.32
C ILE A 131 19.04 -6.23 -3.73
N LEU A 132 18.73 -5.19 -4.51
CA LEU A 132 19.17 -5.13 -5.89
C LEU A 132 20.70 -5.15 -6.03
N ARG A 133 21.37 -4.66 -5.00
CA ARG A 133 22.82 -4.55 -5.06
C ARG A 133 23.58 -5.67 -4.33
N SER A 134 22.87 -6.68 -3.84
CA SER A 134 23.53 -7.76 -3.10
C SER A 134 23.45 -9.08 -3.83
N GLU A 135 24.62 -9.71 -4.00
CA GLU A 135 24.67 -11.08 -4.56
C GLU A 135 24.35 -12.13 -3.50
N LYS A 136 24.36 -11.73 -2.23
CA LYS A 136 24.16 -12.62 -1.10
C LYS A 136 22.83 -12.30 -0.36
N PRO A 137 22.30 -13.27 0.37
CA PRO A 137 21.05 -13.03 1.09
C PRO A 137 21.26 -11.93 2.11
N LEU A 138 20.27 -11.09 2.30
CA LEU A 138 20.34 -10.01 3.27
C LEU A 138 19.69 -10.45 4.56
N ALA A 139 20.04 -9.76 5.63
CA ALA A 139 19.65 -10.20 6.98
C ALA A 139 18.13 -10.33 7.19
N PHE A 140 17.32 -9.61 6.41
CA PHE A 140 15.84 -9.63 6.52
C PHE A 140 15.08 -10.63 5.60
N GLN A 141 15.78 -11.26 4.65
CA GLN A 141 15.14 -12.21 3.76
C GLN A 141 14.87 -13.57 4.44
N GLN A 142 14.02 -14.38 3.83
CA GLN A 142 13.44 -15.56 4.51
C GLN A 142 14.45 -16.60 4.98
N GLU A 143 15.46 -16.84 4.17
CA GLU A 143 16.49 -17.81 4.52
C GLU A 143 17.28 -17.38 5.78
N SER A 144 17.32 -16.07 6.08
CA SER A 144 18.03 -15.54 7.26
C SER A 144 17.10 -15.30 8.44
N ARG A 145 15.80 -15.29 8.17
CA ARG A 145 14.77 -14.87 9.13
C ARG A 145 14.06 -16.04 9.81
N PHE A 146 13.72 -17.08 9.07
CA PHE A 146 12.85 -18.13 9.64
C PHE A 146 13.42 -18.99 10.78
N ALA A 147 14.75 -19.04 10.98
CA ALA A 147 15.28 -19.82 12.11
C ALA A 147 14.99 -19.18 13.47
N HIS A 148 14.85 -17.86 13.52
CA HIS A 148 14.64 -17.17 14.80
C HIS A 148 13.25 -16.52 14.92
N ASP A 149 12.63 -16.22 13.76
CA ASP A 149 11.35 -15.48 13.77
C ASP A 149 10.23 -16.51 13.55
N THR A 150 9.88 -17.19 14.64
CA THR A 150 8.83 -18.22 14.62
C THR A 150 7.50 -17.66 14.17
N ARG A 151 7.21 -16.43 14.61
CA ARG A 151 6.01 -15.72 14.21
C ARG A 151 5.93 -15.58 12.69
N ALA A 152 7.01 -15.12 12.07
CA ALA A 152 7.00 -14.89 10.62
C ALA A 152 7.01 -16.22 9.85
N ARG A 153 7.72 -17.22 10.38
CA ARG A 153 7.74 -18.56 9.77
CA ARG A 153 7.74 -18.56 9.78
C ARG A 153 6.33 -19.16 9.79
N ASP A 154 5.68 -19.12 10.94
CA ASP A 154 4.34 -19.70 11.11
C ASP A 154 3.24 -18.94 10.32
N ALA A 155 3.32 -17.61 10.30
CA ALA A 155 2.42 -16.80 9.50
C ALA A 155 2.56 -17.15 8.02
N PHE A 156 3.79 -17.23 7.56
CA PHE A 156 4.07 -17.56 6.17
C PHE A 156 3.51 -18.95 5.86
N ASN A 157 3.83 -19.96 6.67
CA ASN A 157 3.34 -21.32 6.42
C ASN A 157 1.79 -21.41 6.46
N ASP A 158 1.19 -20.82 7.49
CA ASP A 158 -0.28 -20.77 7.60
C ASP A 158 -0.92 -19.98 6.44
N ALA A 159 -0.27 -18.91 5.99
CA ALA A 159 -0.79 -18.09 4.89
C ALA A 159 -0.79 -18.90 3.58
N VAL A 161 -0.89 -22.22 3.31
CA VAL A 161 -1.88 -23.29 3.39
C VAL A 161 -3.23 -22.77 2.93
N ARG A 162 -3.56 -21.57 3.39
CA ARG A 162 -4.85 -21.00 3.09
C ARG A 162 -4.90 -20.59 1.61
N LEU A 163 -3.89 -19.86 1.17
CA LEU A 163 -3.86 -19.33 -0.19
C LEU A 163 -3.75 -20.44 -1.25
N SER A 164 -3.19 -21.58 -0.87
CA SER A 164 -3.01 -22.68 -1.79
C SER A 164 -4.25 -23.57 -1.98
N GLN A 165 -5.28 -23.42 -1.16
CA GLN A 165 -6.41 -24.39 -1.17
C GLN A 165 -7.08 -24.62 -2.53
N PRO A 166 -7.30 -23.54 -3.30
CA PRO A 166 -7.97 -23.79 -4.59
C PRO A 166 -7.18 -24.74 -5.46
N VAL A 168 -4.89 -26.95 -4.41
CA VAL A 168 -4.88 -28.26 -3.72
C VAL A 168 -6.04 -29.15 -4.18
N ASP A 169 -7.22 -28.57 -4.27
CA ASP A 169 -8.42 -29.31 -4.68
C ASP A 169 -8.29 -29.82 -6.12
N VAL A 170 -7.70 -29.01 -7.01
CA VAL A 170 -7.48 -29.42 -8.40
C VAL A 170 -6.41 -30.51 -8.51
N VAL A 171 -5.29 -30.33 -7.83
CA VAL A 171 -4.24 -31.34 -7.85
C VAL A 171 -4.76 -32.69 -7.34
N SER A 172 -5.53 -32.67 -6.25
CA SER A 172 -5.99 -33.92 -5.67
C SER A 172 -6.91 -34.74 -6.60
N GLU A 173 -7.59 -34.08 -7.56
CA GLU A 173 -8.47 -34.79 -8.53
C GLU A 173 -7.79 -35.20 -9.83
N LEU A 174 -6.48 -34.97 -9.95
CA LEU A 174 -5.78 -35.39 -11.16
C LEU A 174 -5.87 -36.91 -11.37
N GLY A 175 -6.01 -37.32 -12.62
CA GLY A 175 -6.08 -38.74 -12.97
C GLY A 175 -4.82 -39.54 -12.78
N VAL A 176 -3.67 -38.89 -12.68
CA VAL A 176 -2.43 -39.60 -12.50
C VAL A 176 -2.36 -40.33 -11.16
N PHE A 177 -3.25 -39.99 -10.22
CA PHE A 177 -3.21 -40.58 -8.88
C PHE A 177 -3.98 -41.89 -8.76
N ALA A 178 -4.95 -42.12 -9.66
CA ALA A 178 -5.94 -43.21 -9.51
C ALA A 178 -5.27 -44.59 -9.50
N ARG A 179 -4.24 -44.78 -10.33
CA ARG A 179 -3.54 -46.06 -10.44
C ARG A 179 -2.11 -46.00 -9.88
N ALA A 180 -1.77 -44.88 -9.26
CA ALA A 180 -0.48 -44.67 -8.63
C ALA A 180 -0.50 -45.38 -7.24
N ARG A 181 0.69 -45.68 -6.71
CA ARG A 181 0.84 -46.16 -5.34
C ARG A 181 1.67 -45.27 -4.47
N THR A 182 2.67 -44.61 -5.06
CA THR A 182 3.59 -43.81 -4.27
C THR A 182 3.76 -42.42 -4.84
N VAL A 183 3.94 -41.47 -3.93
CA VAL A 183 4.09 -40.07 -4.21
C VAL A 183 5.26 -39.48 -3.41
N ILE A 184 6.06 -38.65 -4.05
CA ILE A 184 7.08 -37.86 -3.40
C ILE A 184 6.76 -36.36 -3.59
N ASP A 185 6.65 -35.62 -2.49
CA ASP A 185 6.36 -34.16 -2.49
C ASP A 185 7.68 -33.41 -2.16
N LEU A 186 8.28 -32.84 -3.18
CA LEU A 186 9.59 -32.22 -3.06
C LEU A 186 9.40 -30.76 -2.57
N ALA A 187 10.08 -30.39 -1.49
CA ALA A 187 9.90 -29.05 -0.95
C ALA A 187 8.46 -28.92 -0.49
N GLY A 188 7.90 -30.02 0.02
CA GLY A 188 6.47 -30.13 0.27
C GLY A 188 5.98 -29.20 1.35
N GLY A 189 6.89 -28.84 2.26
CA GLY A 189 6.63 -27.79 3.27
C GLY A 189 5.50 -28.09 4.19
N HIS A 190 4.47 -27.24 4.14
CA HIS A 190 3.27 -27.43 4.96
C HIS A 190 2.62 -28.79 4.65
N GLY A 191 2.64 -29.14 3.36
CA GLY A 191 2.31 -30.49 2.95
C GLY A 191 0.85 -30.71 2.62
N THR A 192 0.12 -29.61 2.35
CA THR A 192 -1.31 -29.70 2.17
C THR A 192 -1.65 -30.44 0.87
N TYR A 193 -0.84 -30.29 -0.18
CA TYR A 193 -1.14 -31.00 -1.43
C TYR A 193 -1.06 -32.51 -1.19
N LEU A 194 0.03 -32.97 -0.58
CA LEU A 194 0.20 -34.41 -0.39
C LEU A 194 -0.88 -35.00 0.49
N ALA A 195 -1.18 -34.32 1.61
CA ALA A 195 -2.17 -34.79 2.54
C ALA A 195 -3.54 -34.92 1.88
N GLN A 196 -3.94 -33.93 1.09
CA GLN A 196 -5.25 -33.95 0.48
CA GLN A 196 -5.25 -33.96 0.49
C GLN A 196 -5.32 -35.02 -0.61
N VAL A 197 -4.21 -35.21 -1.31
CA VAL A 197 -4.08 -36.25 -2.32
C VAL A 197 -4.24 -37.63 -1.63
N LEU A 198 -3.52 -37.87 -0.53
CA LEU A 198 -3.62 -39.16 0.17
C LEU A 198 -5.03 -39.41 0.73
N ARG A 199 -5.73 -38.38 1.19
CA ARG A 199 -7.06 -38.54 1.78
C ARG A 199 -8.03 -39.12 0.78
N ARG A 200 -7.88 -38.63 -0.45
CA ARG A 200 -8.78 -38.94 -1.53
C ARG A 200 -8.44 -40.29 -2.20
N HIS A 201 -7.21 -40.74 -2.03
CA HIS A 201 -6.68 -41.91 -2.73
C HIS A 201 -6.06 -42.87 -1.72
N PRO A 202 -6.88 -43.77 -1.12
CA PRO A 202 -6.44 -44.58 0.02
C PRO A 202 -5.30 -45.54 -0.28
N GLN A 203 -5.08 -45.86 -1.56
CA GLN A 203 -3.99 -46.74 -1.95
C GLN A 203 -2.61 -46.08 -1.92
N LEU A 204 -2.56 -44.76 -1.76
CA LEU A 204 -1.29 -44.04 -1.88
C LEU A 204 -0.55 -43.94 -0.51
N THR A 205 0.76 -44.04 -0.57
CA THR A 205 1.64 -43.60 0.52
C THR A 205 2.56 -42.50 -0.02
N GLY A 206 3.14 -41.70 0.89
CA GLY A 206 3.77 -40.46 0.51
C GLY A 206 5.05 -40.19 1.27
N GLN A 207 5.96 -39.46 0.64
CA GLN A 207 7.15 -38.90 1.34
C GLN A 207 7.18 -37.40 1.08
N ILE A 208 7.54 -36.65 2.12
CA ILE A 208 7.78 -35.24 2.00
C ILE A 208 9.29 -35.06 2.16
N TRP A 209 9.90 -34.39 1.18
CA TRP A 209 11.34 -34.07 1.13
C TRP A 209 11.47 -32.57 1.24
N ASP A 210 11.98 -32.08 2.37
CA ASP A 210 12.16 -30.64 2.57
C ASP A 210 13.25 -30.38 3.63
N LEU A 211 13.45 -29.11 3.97
CA LEU A 211 14.47 -28.68 4.94
C LEU A 211 13.95 -28.83 6.38
N PRO A 212 14.85 -28.74 7.39
CA PRO A 212 14.45 -28.78 8.81
C PRO A 212 13.34 -27.79 9.22
N THR A 213 13.35 -26.59 8.62
CA THR A 213 12.41 -25.51 8.98
C THR A 213 10.93 -25.86 8.77
N THR A 214 10.66 -26.72 7.79
CA THR A 214 9.30 -27.16 7.44
C THR A 214 8.75 -28.34 8.26
N ARG A 215 9.64 -29.05 8.95
CA ARG A 215 9.30 -30.36 9.54
C ARG A 215 8.18 -30.39 10.61
N ASP A 216 8.08 -29.35 11.43
CA ASP A 216 7.00 -29.28 12.42
C ASP A 216 5.68 -28.97 11.73
N ALA A 217 5.72 -28.18 10.67
CA ALA A 217 4.52 -27.83 9.95
C ALA A 217 3.95 -29.09 9.25
N ALA A 218 4.86 -29.97 8.80
CA ALA A 218 4.47 -31.21 8.11
C ALA A 218 3.82 -32.18 9.09
N ARG A 219 4.42 -32.31 10.27
CA ARG A 219 3.91 -33.19 11.33
C ARG A 219 2.48 -32.80 11.76
N LYS A 220 2.23 -31.50 11.90
CA LYS A 220 0.87 -30.97 12.10
C LYS A 220 -0.10 -31.41 11.00
N THR A 221 0.23 -31.07 9.76
CA THR A 221 -0.62 -31.45 8.62
C THR A 221 -0.88 -32.96 8.60
N ILE A 222 0.17 -33.76 8.68
CA ILE A 222 0.03 -35.23 8.65
C ILE A 222 -0.93 -35.75 9.71
N HIS A 223 -0.74 -35.35 10.97
CA HIS A 223 -1.62 -35.78 12.04
C HIS A 223 -3.03 -35.19 11.89
N ALA A 224 -3.10 -33.95 11.41
CA ALA A 224 -4.38 -33.27 11.23
C ALA A 224 -5.29 -34.03 10.26
N HIS A 225 -4.68 -34.68 9.26
CA HIS A 225 -5.43 -35.48 8.30
C HIS A 225 -5.42 -36.98 8.61
N ASP A 226 -4.93 -37.36 9.79
CA ASP A 226 -4.87 -38.77 10.20
C ASP A 226 -4.05 -39.65 9.24
N LEU A 227 -2.88 -39.19 8.81
CA LEU A 227 -2.09 -39.91 7.80
C LEU A 227 -0.78 -40.48 8.35
N GLY A 228 -0.72 -40.68 9.67
CA GLY A 228 0.49 -41.09 10.36
C GLY A 228 1.26 -42.23 9.71
N GLY A 229 0.59 -43.33 9.46
CA GLY A 229 1.28 -44.47 8.86
C GLY A 229 1.45 -44.42 7.34
N ARG A 230 1.11 -43.31 6.71
CA ARG A 230 1.12 -43.28 5.22
C ARG A 230 2.11 -42.29 4.62
N VAL A 231 2.67 -41.42 5.47
CA VAL A 231 3.59 -40.37 5.05
C VAL A 231 4.84 -40.43 5.92
N GLU A 232 6.00 -40.29 5.29
CA GLU A 232 7.27 -40.12 6.02
C GLU A 232 7.89 -38.77 5.62
N PHE A 233 8.49 -38.07 6.58
CA PHE A 233 9.22 -36.83 6.31
C PHE A 233 10.71 -37.12 6.20
N PHE A 234 11.35 -36.51 5.20
CA PHE A 234 12.79 -36.68 4.97
C PHE A 234 13.41 -35.32 4.83
N GLU A 235 14.47 -35.08 5.60
CA GLU A 235 15.26 -33.87 5.45
C GLU A 235 16.16 -34.01 4.22
N LYS A 236 15.92 -33.20 3.19
CA LYS A 236 16.64 -33.31 1.93
C LYS A 236 16.99 -31.94 1.35
N ASN A 237 18.18 -31.85 0.75
CA ASN A 237 18.57 -30.68 -0.02
C ASN A 237 18.37 -30.98 -1.49
N LEU A 238 17.41 -30.31 -2.10
CA LEU A 238 17.04 -30.59 -3.47
C LEU A 238 18.13 -30.22 -4.47
N LEU A 239 19.08 -29.39 -4.06
CA LEU A 239 20.24 -29.05 -4.91
C LEU A 239 21.37 -30.10 -4.88
N ASP A 240 21.30 -31.10 -4.01
CA ASP A 240 22.34 -32.10 -3.89
C ASP A 240 21.93 -33.35 -4.63
N ALA A 241 22.59 -33.65 -5.75
CA ALA A 241 22.19 -34.77 -6.59
C ALA A 241 22.19 -36.09 -5.84
N ARG A 242 23.10 -36.26 -4.90
CA ARG A 242 23.23 -37.55 -4.22
C ARG A 242 22.01 -37.86 -3.38
N ASN A 243 21.33 -36.83 -2.91
CA ASN A 243 20.06 -37.00 -2.16
C ASN A 243 18.96 -37.67 -2.93
N PHE A 244 19.09 -37.73 -4.24
CA PHE A 244 18.09 -38.40 -5.07
C PHE A 244 18.42 -39.85 -5.41
N GLU A 245 19.65 -40.28 -5.12
CA GLU A 245 20.03 -41.69 -5.32
C GLU A 245 19.06 -42.65 -4.65
N GLY A 246 18.58 -43.61 -5.42
CA GLY A 246 17.68 -44.65 -4.93
C GLY A 246 16.25 -44.23 -4.62
N GLY A 247 15.85 -43.00 -4.97
CA GLY A 247 14.47 -42.58 -4.76
C GLY A 247 13.68 -42.92 -6.00
N ALA A 248 12.40 -43.20 -5.82
CA ALA A 248 11.51 -43.50 -6.94
C ALA A 248 10.06 -43.39 -6.46
N ALA A 249 9.19 -42.79 -7.28
CA ALA A 249 7.76 -42.80 -7.01
C ALA A 249 6.99 -42.75 -8.30
N ASP A 250 5.71 -43.11 -8.22
CA ASP A 250 4.81 -42.99 -9.36
C ASP A 250 4.48 -41.54 -9.73
N VAL A 251 4.35 -40.71 -8.71
CA VAL A 251 4.11 -39.29 -8.85
C VAL A 251 5.07 -38.48 -7.99
N VAL A 252 5.74 -37.50 -8.61
CA VAL A 252 6.68 -36.64 -7.92
C VAL A 252 6.16 -35.23 -8.09
N LEU A 254 6.56 -30.96 -7.50
CA LEU A 254 7.27 -29.71 -7.25
C LEU A 254 6.24 -28.59 -7.29
N ASN A 255 5.57 -28.33 -6.18
CA ASN A 255 4.42 -27.44 -6.22
C ASN A 255 4.79 -26.06 -5.72
N ASP A 256 4.73 -25.05 -6.61
CA ASP A 256 4.79 -23.63 -6.21
C ASP A 256 6.07 -23.39 -5.42
N CYS A 257 7.21 -23.87 -5.93
CA CYS A 257 8.53 -23.78 -5.26
C CYS A 257 9.72 -23.50 -6.18
N LEU A 258 9.56 -23.63 -7.50
CA LEU A 258 10.71 -23.38 -8.38
C LEU A 258 11.22 -21.94 -8.36
N HIS A 259 10.39 -21.01 -7.90
CA HIS A 259 10.77 -19.63 -7.82
C HIS A 259 11.73 -19.27 -6.67
N TYR A 260 12.13 -20.25 -5.85
CA TYR A 260 13.22 -20.07 -4.91
C TYR A 260 14.60 -20.29 -5.52
N PHE A 261 14.64 -20.75 -6.77
CA PHE A 261 15.87 -21.12 -7.41
C PHE A 261 16.20 -20.18 -8.56
N ASP A 262 17.49 -19.88 -8.77
CA ASP A 262 17.91 -19.28 -10.07
C ASP A 262 17.72 -20.28 -11.22
N ALA A 263 17.87 -19.83 -12.44
CA ALA A 263 17.57 -20.71 -13.60
C ALA A 263 18.47 -21.95 -13.64
N ARG A 264 19.73 -21.81 -13.29
CA ARG A 264 20.63 -22.95 -13.29
C ARG A 264 20.16 -23.98 -12.26
N GLU A 265 19.89 -23.47 -11.07
CA GLU A 265 19.44 -24.33 -9.99
C GLU A 265 18.11 -25.01 -10.34
N ALA A 266 17.17 -24.24 -10.89
CA ALA A 266 15.86 -24.75 -11.23
C ALA A 266 15.97 -25.87 -12.28
N ARG A 267 16.88 -25.71 -13.25
CA ARG A 267 17.08 -26.78 -14.25
C ARG A 267 17.60 -28.05 -13.59
N GLU A 268 18.53 -27.93 -12.63
CA GLU A 268 19.02 -29.10 -11.92
C GLU A 268 17.96 -29.80 -11.07
N VAL A 269 17.12 -29.02 -10.41
CA VAL A 269 16.06 -29.56 -9.54
C VAL A 269 15.04 -30.31 -10.39
N ILE A 270 14.68 -29.75 -11.52
CA ILE A 270 13.71 -30.37 -12.43
C ILE A 270 14.28 -31.69 -12.92
N GLY A 271 15.54 -31.71 -13.34
CA GLY A 271 16.17 -32.95 -13.74
C GLY A 271 16.21 -34.05 -12.69
N HIS A 272 16.56 -33.68 -11.47
CA HIS A 272 16.62 -34.62 -10.38
C HIS A 272 15.21 -35.16 -10.10
N ALA A 273 14.24 -34.27 -10.10
CA ALA A 273 12.86 -34.62 -9.85
C ALA A 273 12.37 -35.62 -10.88
N ALA A 274 12.65 -35.30 -12.14
CA ALA A 274 12.24 -36.15 -13.24
C ALA A 274 12.86 -37.54 -13.08
N GLY A 275 14.12 -37.59 -12.64
CA GLY A 275 14.80 -38.88 -12.44
C GLY A 275 14.10 -39.78 -11.40
N LEU A 276 13.34 -39.18 -10.49
CA LEU A 276 12.60 -39.97 -9.49
C LEU A 276 11.34 -40.63 -10.04
N VAL A 277 10.87 -40.19 -11.21
CA VAL A 277 9.60 -40.63 -11.77
C VAL A 277 9.70 -42.05 -12.40
N LYS A 278 8.92 -42.99 -11.87
CA LYS A 278 8.93 -44.37 -12.37
C LYS A 278 8.31 -44.39 -13.74
N PRO A 279 8.61 -45.43 -14.52
CA PRO A 279 7.92 -45.59 -15.80
C PRO A 279 6.42 -45.59 -15.64
N GLY A 280 5.74 -44.90 -16.56
CA GLY A 280 4.31 -44.70 -16.50
C GLY A 280 3.88 -43.62 -15.53
N GLY A 281 4.83 -43.02 -14.81
CA GLY A 281 4.53 -42.06 -13.74
C GLY A 281 4.52 -40.63 -14.26
N ALA A 282 4.40 -39.68 -13.33
CA ALA A 282 4.28 -38.27 -13.69
C ALA A 282 5.03 -37.38 -12.73
N LEU A 283 5.57 -36.32 -13.30
CA LEU A 283 6.12 -35.21 -12.55
C LEU A 283 5.12 -34.04 -12.65
N LEU A 284 4.73 -33.50 -11.49
CA LEU A 284 3.78 -32.38 -11.45
C LEU A 284 4.54 -31.14 -11.01
N ILE A 285 4.40 -30.08 -11.78
CA ILE A 285 4.95 -28.79 -11.39
C ILE A 285 3.87 -27.73 -11.45
N LEU A 286 3.56 -27.14 -10.31
CA LEU A 286 2.61 -26.06 -10.23
C LEU A 286 3.41 -24.77 -10.17
N THR A 287 3.11 -23.84 -11.05
CA THR A 287 3.88 -22.62 -11.16
C THR A 287 2.98 -21.47 -11.63
N THR A 289 1.65 -18.73 -13.85
CA THR A 289 1.79 -18.63 -15.31
C THR A 289 2.55 -17.37 -15.70
N ASN A 291 4.56 -15.80 -19.32
CA ASN A 291 4.98 -15.96 -20.69
C ASN A 291 6.49 -15.70 -20.84
N ASP A 292 7.05 -16.08 -21.99
CA ASP A 292 8.49 -15.81 -22.28
C ASP A 292 8.89 -14.31 -22.27
N ASP A 293 7.95 -13.42 -22.45
CA ASP A 293 8.26 -11.99 -22.42
C ASP A 293 8.50 -11.44 -21.00
N ARG A 294 8.22 -12.24 -19.98
CA ARG A 294 8.42 -11.88 -18.55
C ARG A 294 7.56 -10.70 -18.04
N VAL A 295 6.60 -10.26 -18.85
CA VAL A 295 5.72 -9.16 -18.46
C VAL A 295 4.26 -9.49 -18.56
N THR A 296 3.92 -10.65 -19.11
CA THR A 296 2.55 -11.06 -19.27
C THR A 296 2.38 -12.45 -18.69
N PRO A 297 1.30 -12.68 -17.94
CA PRO A 297 0.37 -11.67 -17.38
C PRO A 297 1.07 -10.71 -16.43
N ALA A 298 0.56 -9.48 -16.32
CA ALA A 298 1.27 -8.45 -15.59
C ALA A 298 1.59 -8.87 -14.15
N LEU A 299 0.64 -9.54 -13.51
CA LEU A 299 0.85 -9.91 -12.11
C LEU A 299 1.98 -10.95 -11.94
N SER A 300 2.38 -11.64 -13.00
CA SER A 300 3.55 -12.52 -12.96
C SER A 300 4.87 -11.78 -12.76
N ALA A 301 5.03 -10.62 -13.40
CA ALA A 301 6.22 -9.79 -13.18
C ALA A 301 6.28 -9.26 -11.74
N ASP A 302 5.12 -8.91 -11.21
CA ASP A 302 5.01 -8.49 -9.82
C ASP A 302 5.43 -9.62 -8.92
N PHE A 303 4.94 -10.82 -9.18
CA PHE A 303 5.28 -11.98 -8.36
C PHE A 303 6.79 -12.27 -8.40
N SER A 304 7.41 -12.19 -9.58
CA SER A 304 8.86 -12.37 -9.69
C SER A 304 9.63 -11.42 -8.78
N LEU A 305 9.24 -10.15 -8.80
CA LEU A 305 9.85 -9.17 -7.93
C LEU A 305 9.58 -9.44 -6.45
N HIS A 306 8.35 -9.83 -6.12
CA HIS A 306 7.98 -10.20 -4.76
C HIS A 306 8.94 -11.29 -4.24
N VAL A 309 12.34 -9.98 -3.53
CA VAL A 309 12.45 -9.32 -2.22
C VAL A 309 12.55 -10.39 -1.10
N ASN A 310 11.76 -11.44 -1.19
CA ASN A 310 11.70 -12.48 -0.15
C ASN A 310 12.95 -13.34 0.00
N THR A 311 13.60 -13.69 -1.09
CA THR A 311 14.75 -14.59 -1.02
C THR A 311 15.81 -14.21 -2.09
N ASN A 312 17.08 -14.49 -1.79
CA ASN A 312 18.19 -14.05 -2.66
C ASN A 312 17.96 -14.38 -4.14
N HIS A 313 17.72 -15.64 -4.44
CA HIS A 313 17.53 -16.11 -5.82
C HIS A 313 16.10 -16.12 -6.27
N GLY A 314 15.21 -15.44 -5.54
CA GLY A 314 13.78 -15.46 -5.87
C GLY A 314 13.54 -14.94 -7.27
N GLU A 315 12.76 -15.68 -8.06
CA GLU A 315 12.50 -15.27 -9.42
C GLU A 315 11.48 -16.21 -10.02
N LEU A 316 10.50 -15.68 -10.73
CA LEU A 316 9.52 -16.54 -11.40
C LEU A 316 10.10 -16.85 -12.77
N HIS A 317 10.25 -18.12 -13.10
CA HIS A 317 10.74 -18.55 -14.40
C HIS A 317 9.57 -18.74 -15.38
N PRO A 318 9.79 -18.37 -16.65
CA PRO A 318 8.71 -18.54 -17.61
C PRO A 318 8.23 -19.98 -17.73
N THR A 319 6.91 -20.11 -17.86
CA THR A 319 6.27 -21.40 -17.94
C THR A 319 6.69 -22.22 -19.13
N PRO A 320 6.80 -21.61 -20.34
CA PRO A 320 7.33 -22.36 -21.46
C PRO A 320 8.77 -22.82 -21.26
N TRP A 321 9.55 -22.07 -20.51
CA TRP A 321 10.94 -22.47 -20.23
C TRP A 321 10.95 -23.70 -19.31
N ILE A 322 10.13 -23.65 -18.25
CA ILE A 322 9.98 -24.82 -17.37
C ILE A 322 9.54 -26.04 -18.18
N ALA A 323 8.53 -25.87 -19.03
CA ALA A 323 8.04 -26.98 -19.81
C ALA A 323 9.12 -27.56 -20.70
N GLY A 324 9.97 -26.71 -21.29
CA GLY A 324 11.08 -27.19 -22.13
C GLY A 324 12.09 -28.00 -21.33
N VAL A 325 12.34 -27.59 -20.08
CA VAL A 325 13.25 -28.36 -19.22
C VAL A 325 12.72 -29.77 -18.93
N VAL A 326 11.42 -29.87 -18.67
CA VAL A 326 10.78 -31.16 -18.45
C VAL A 326 10.89 -32.05 -19.70
N ARG A 327 10.64 -31.47 -20.88
CA ARG A 327 10.86 -32.20 -22.14
C ARG A 327 12.31 -32.64 -22.31
N ASP A 328 13.25 -31.76 -22.00
CA ASP A 328 14.68 -32.07 -22.09
C ASP A 328 15.01 -33.27 -21.19
N ALA A 329 14.26 -33.45 -20.10
CA ALA A 329 14.45 -34.59 -19.19
C ALA A 329 13.84 -35.87 -19.71
N GLY A 330 13.22 -35.82 -20.90
CA GLY A 330 12.64 -36.99 -21.52
C GLY A 330 11.20 -37.30 -21.14
N LEU A 331 10.46 -36.33 -20.59
CA LEU A 331 9.07 -36.56 -20.22
C LEU A 331 8.15 -35.85 -21.21
N ALA A 332 6.98 -36.42 -21.46
CA ALA A 332 5.98 -35.80 -22.36
C ALA A 332 5.20 -34.83 -21.50
N VAL A 333 5.00 -33.60 -21.94
CA VAL A 333 4.41 -32.58 -21.07
C VAL A 333 2.97 -32.32 -21.42
N GLY A 334 2.09 -32.43 -20.44
CA GLY A 334 0.72 -31.93 -20.51
C GLY A 334 0.58 -30.72 -19.59
N GLU A 335 -0.54 -30.02 -19.67
CA GLU A 335 -0.82 -28.90 -18.80
C GLU A 335 -2.30 -28.70 -18.45
N ARG A 336 -2.50 -27.89 -17.42
CA ARG A 336 -3.77 -27.57 -16.86
C ARG A 336 -3.65 -26.14 -16.30
N SER A 337 -4.59 -25.27 -16.66
CA SER A 337 -4.69 -23.93 -16.08
C SER A 337 -5.46 -24.02 -14.80
N ILE A 338 -4.92 -23.44 -13.73
CA ILE A 338 -5.67 -23.24 -12.51
C ILE A 338 -5.63 -21.76 -12.13
N GLY A 339 -6.61 -21.00 -12.60
CA GLY A 339 -6.64 -19.56 -12.45
C GLY A 339 -5.34 -18.94 -12.99
N ARG A 340 -4.59 -18.26 -12.15
CA ARG A 340 -3.32 -17.64 -12.52
C ARG A 340 -2.10 -18.60 -12.54
N TYR A 341 -2.36 -19.87 -12.23
CA TYR A 341 -1.34 -20.91 -12.19
C TYR A 341 -1.45 -21.86 -13.38
N THR A 342 -0.31 -22.44 -13.74
CA THR A 342 -0.25 -23.55 -14.66
C THR A 342 0.28 -24.78 -13.90
N LEU A 343 -0.42 -25.88 -14.10
CA LEU A 343 0.03 -27.20 -13.67
C LEU A 343 0.61 -27.92 -14.88
N LEU A 344 1.90 -28.20 -14.82
CA LEU A 344 2.59 -28.96 -15.85
C LEU A 344 2.68 -30.39 -15.36
N ILE A 345 2.40 -31.33 -16.28
CA ILE A 345 2.40 -32.74 -15.96
C ILE A 345 3.38 -33.40 -16.94
N GLY A 346 4.52 -33.82 -16.43
CA GLY A 346 5.46 -34.56 -17.21
C GLY A 346 5.31 -36.04 -17.09
N GLN A 347 4.99 -36.71 -18.18
CA GLN A 347 4.66 -38.12 -18.10
C GLN A 347 5.80 -38.98 -18.65
N ARG A 348 6.26 -39.97 -17.88
CA ARG A 348 7.30 -40.89 -18.33
C ARG A 348 6.61 -42.08 -19.01
N SER A 349 7.07 -42.39 -20.22
CA SER A 349 6.55 -43.54 -20.93
C SER A 349 6.84 -44.85 -20.14
N SER A 350 5.92 -45.79 -20.23
CA SER A 350 6.12 -47.10 -19.61
C SER A 350 6.80 -48.07 -20.59
N GLY A 351 6.84 -47.70 -21.87
CA GLY A 351 7.31 -48.61 -22.92
C GLY A 351 6.51 -48.40 -24.19
N ALA B 21 -16.59 -0.07 0.70
CA ALA B 21 -15.85 -0.42 -0.52
C ALA B 21 -15.59 -1.93 -0.60
N LEU B 22 -14.91 -2.47 0.44
CA LEU B 22 -14.46 -3.88 0.45
C LEU B 22 -15.66 -4.83 0.61
N THR B 23 -15.79 -5.77 -0.31
CA THR B 23 -16.95 -6.66 -0.36
C THR B 23 -16.63 -8.16 -0.48
N SER B 24 -15.35 -8.56 -0.55
CA SER B 24 -14.99 -9.98 -0.65
C SER B 24 -13.65 -10.26 0.02
N VAL B 25 -13.35 -11.53 0.34
CA VAL B 25 -12.05 -11.85 0.95
C VAL B 25 -10.88 -11.54 0.00
N VAL B 26 -11.11 -11.66 -1.30
CA VAL B 26 -10.06 -11.31 -2.26
C VAL B 26 -9.73 -9.82 -2.15
N ASP B 27 -10.74 -8.96 -1.97
CA ASP B 27 -10.49 -7.53 -1.79
C ASP B 27 -9.62 -7.31 -0.53
N LEU B 28 -9.86 -8.10 0.53
CA LEU B 28 -9.11 -7.93 1.79
C LEU B 28 -7.66 -8.26 1.64
N VAL B 29 -7.39 -9.41 1.02
CA VAL B 29 -6.03 -9.82 0.82
C VAL B 29 -5.32 -8.82 -0.09
N LYS B 30 -5.99 -8.39 -1.16
CA LYS B 30 -5.41 -7.39 -2.05
C LYS B 30 -5.08 -6.07 -1.32
N LEU B 31 -6.02 -5.63 -0.47
CA LEU B 31 -5.83 -4.39 0.28
C LEU B 31 -4.64 -4.49 1.23
N SER B 32 -4.50 -5.64 1.88
CA SER B 32 -3.42 -5.87 2.81
C SER B 32 -2.03 -5.93 2.15
N ASP B 33 -2.01 -6.29 0.88
CA ASP B 33 -0.78 -6.50 0.11
C ASP B 33 -0.37 -5.31 -0.73
N GLN B 34 -1.29 -4.35 -0.92
CA GLN B 34 -1.12 -3.33 -1.95
C GLN B 34 0.01 -2.32 -1.67
N TYR B 35 0.47 -2.23 -0.42
CA TYR B 35 1.59 -1.41 -0.10
C TYR B 35 2.86 -1.68 -0.92
N ARG B 36 3.06 -2.93 -1.35
CA ARG B 36 4.27 -3.24 -2.08
C ARG B 36 4.44 -2.38 -3.35
N GLN B 37 3.34 -2.15 -4.08
CA GLN B 37 3.41 -1.32 -5.28
C GLN B 37 3.87 0.12 -4.95
N SER B 38 3.42 0.68 -3.82
CA SER B 38 3.86 2.02 -3.42
C SER B 38 5.36 2.00 -3.26
N ALA B 39 5.85 0.95 -2.60
CA ALA B 39 7.29 0.89 -2.29
C ALA B 39 8.12 0.79 -3.58
N ILE B 40 7.60 0.07 -4.56
CA ILE B 40 8.33 -0.07 -5.80
C ILE B 40 8.50 1.30 -6.47
N LEU B 41 7.41 2.05 -6.55
CA LEU B 41 7.47 3.40 -7.13
C LEU B 41 8.37 4.34 -6.32
N HIS B 42 8.23 4.30 -5.01
CA HIS B 42 9.05 5.11 -4.13
C HIS B 42 10.50 4.88 -4.41
N TYR B 43 10.89 3.63 -4.55
CA TYR B 43 12.29 3.29 -4.78
C TYR B 43 12.81 3.87 -6.10
N ALA B 44 12.06 3.66 -7.17
CA ALA B 44 12.47 4.04 -8.52
C ALA B 44 12.64 5.58 -8.61
N VAL B 45 11.75 6.30 -7.96
CA VAL B 45 11.83 7.76 -7.84
C VAL B 45 13.03 8.15 -6.97
N ALA B 46 13.19 7.55 -5.79
CA ALA B 46 14.32 7.90 -4.90
C ALA B 46 15.70 7.70 -5.54
N ASP B 47 15.85 6.63 -6.31
CA ASP B 47 17.09 6.35 -7.00
C ASP B 47 17.21 7.02 -8.39
N LYS B 48 16.21 7.79 -8.81
CA LYS B 48 16.21 8.52 -10.09
C LYS B 48 16.39 7.58 -11.27
N LEU B 49 15.82 6.39 -11.15
CA LEU B 49 15.93 5.38 -12.19
C LEU B 49 15.39 5.94 -13.51
N PHE B 50 14.31 6.72 -13.43
CA PHE B 50 13.68 7.20 -14.64
C PHE B 50 14.47 8.30 -15.36
N ASP B 51 15.38 8.95 -14.64
CA ASP B 51 16.35 9.82 -15.29
C ASP B 51 17.32 9.03 -16.19
N LEU B 52 17.77 7.86 -15.74
CA LEU B 52 18.57 6.96 -16.57
C LEU B 52 17.80 6.43 -17.81
N THR B 53 16.56 5.99 -17.62
CA THR B 53 15.79 5.37 -18.70
C THR B 53 15.07 6.38 -19.60
N GLN B 54 15.45 7.66 -19.53
CA GLN B 54 15.07 8.60 -20.55
C GLN B 54 15.63 8.17 -21.89
N THR B 55 16.77 7.48 -21.85
CA THR B 55 17.37 6.84 -22.98
C THR B 55 17.19 5.34 -22.74
N GLY B 56 16.87 4.58 -23.77
CA GLY B 56 16.64 3.14 -23.61
C GLY B 56 17.86 2.43 -23.05
N ARG B 57 17.68 1.61 -22.00
CA ARG B 57 18.78 0.90 -21.33
C ARG B 57 18.46 -0.57 -21.25
N THR B 58 19.46 -1.41 -21.49
CA THR B 58 19.29 -2.86 -21.19
C THR B 58 19.41 -3.11 -19.70
N PRO B 59 18.86 -4.24 -19.20
CA PRO B 59 19.11 -4.48 -17.80
C PRO B 59 20.60 -4.50 -17.42
N ALA B 60 21.43 -5.10 -18.28
CA ALA B 60 22.88 -5.06 -18.05
C ALA B 60 23.43 -3.62 -17.86
N GLU B 61 22.97 -2.69 -18.71
CA GLU B 61 23.35 -1.28 -18.62
CA GLU B 61 23.36 -1.28 -18.61
C GLU B 61 22.87 -0.63 -17.32
N VAL B 62 21.61 -0.88 -16.95
CA VAL B 62 21.07 -0.34 -15.70
C VAL B 62 21.86 -0.88 -14.49
N ALA B 63 22.16 -2.17 -14.49
CA ALA B 63 22.88 -2.80 -13.40
C ALA B 63 24.29 -2.21 -13.26
N ALA B 64 24.95 -2.02 -14.40
CA ALA B 64 26.28 -1.42 -14.45
C ALA B 64 26.20 0.00 -13.91
N SER B 65 25.18 0.73 -14.32
CA SER B 65 25.00 2.12 -13.89
C SER B 65 24.81 2.24 -12.37
N PHE B 66 24.03 1.35 -11.76
CA PHE B 66 23.72 1.46 -10.32
C PHE B 66 24.48 0.49 -9.41
N GLY B 67 25.41 -0.28 -9.97
CA GLY B 67 26.09 -1.32 -9.24
C GLY B 67 25.15 -2.43 -8.74
N VAL B 69 23.13 -6.32 -9.15
CA VAL B 69 23.18 -7.64 -9.70
C VAL B 69 22.32 -7.63 -10.96
N GLU B 70 22.91 -8.01 -12.08
CA GLU B 70 22.15 -7.91 -13.36
C GLU B 70 20.80 -8.62 -13.32
N GLY B 71 20.78 -9.86 -12.86
CA GLY B 71 19.52 -10.63 -12.82
C GLY B 71 18.43 -9.95 -12.05
N LYS B 72 18.80 -9.33 -10.94
CA LYS B 72 17.85 -8.62 -10.14
C LYS B 72 17.38 -7.32 -10.79
N ALA B 73 18.28 -6.63 -11.47
CA ALA B 73 17.87 -5.44 -12.21
C ALA B 73 16.86 -5.83 -13.29
N ALA B 74 17.05 -6.97 -13.91
CA ALA B 74 16.11 -7.41 -14.97
C ALA B 74 14.74 -7.68 -14.34
N ILE B 75 14.68 -8.28 -13.16
CA ILE B 75 13.39 -8.55 -12.50
C ILE B 75 12.66 -7.21 -12.19
N LEU B 76 13.40 -6.23 -11.69
CA LEU B 76 12.81 -4.93 -11.40
C LEU B 76 12.30 -4.24 -12.68
N LEU B 77 13.12 -4.24 -13.73
CA LEU B 77 12.74 -3.52 -14.96
C LEU B 77 11.49 -4.15 -15.59
N HIS B 78 11.41 -5.48 -15.57
CA HIS B 78 10.20 -6.15 -16.05
C HIS B 78 8.95 -5.78 -15.22
N ALA B 79 9.09 -5.71 -13.90
CA ALA B 79 7.99 -5.32 -13.05
C ALA B 79 7.55 -3.85 -13.34
N LEU B 80 8.53 -2.98 -13.58
CA LEU B 80 8.23 -1.58 -13.91
C LEU B 80 7.59 -1.47 -15.31
N ALA B 81 7.97 -2.34 -16.26
CA ALA B 81 7.30 -2.41 -17.56
C ALA B 81 5.86 -2.87 -17.41
N ALA B 82 5.66 -3.86 -16.52
CA ALA B 82 4.31 -4.37 -16.27
C ALA B 82 3.39 -3.34 -15.62
N LEU B 83 3.94 -2.44 -14.80
CA LEU B 83 3.20 -1.30 -14.29
C LEU B 83 2.97 -0.15 -15.27
N GLY B 84 3.54 -0.20 -16.46
CA GLY B 84 3.35 0.84 -17.45
C GLY B 84 4.25 2.08 -17.23
N LEU B 85 5.29 1.91 -16.42
CA LEU B 85 6.28 2.94 -16.22
C LEU B 85 7.43 2.88 -17.23
N LEU B 86 7.70 1.70 -17.78
CA LEU B 86 8.68 1.56 -18.79
C LEU B 86 8.06 0.78 -19.93
N THR B 87 8.63 0.98 -21.10
CA THR B 87 8.36 0.17 -22.26
C THR B 87 9.58 -0.63 -22.57
N LYS B 88 9.40 -1.91 -22.84
CA LYS B 88 10.51 -2.74 -23.29
C LYS B 88 10.53 -2.76 -24.82
N GLU B 89 11.52 -2.10 -25.42
CA GLU B 89 11.65 -2.01 -26.87
C GLU B 89 12.83 -2.87 -27.25
N GLY B 90 12.53 -4.11 -27.61
CA GLY B 90 13.55 -5.09 -27.89
C GLY B 90 14.28 -5.47 -26.62
N ASP B 91 15.56 -5.12 -26.55
CA ASP B 91 16.38 -5.45 -25.42
C ASP B 91 16.43 -4.33 -24.37
N ALA B 92 15.87 -3.18 -24.71
CA ALA B 92 16.06 -1.97 -23.95
C ALA B 92 14.76 -1.46 -23.32
N PHE B 93 14.87 -0.95 -22.11
CA PHE B 93 13.76 -0.32 -21.39
C PHE B 93 13.87 1.21 -21.46
N ARG B 94 12.74 1.86 -21.76
CA ARG B 94 12.69 3.30 -21.88
C ARG B 94 11.47 3.81 -21.20
N ASN B 95 11.49 5.05 -20.74
CA ASN B 95 10.32 5.65 -20.12
C ASN B 95 9.10 5.63 -21.04
N THR B 96 7.95 5.36 -20.45
CA THR B 96 6.69 5.68 -21.15
C THR B 96 6.44 7.20 -21.11
N ALA B 97 5.45 7.65 -21.87
CA ALA B 97 5.06 9.05 -21.92
C ALA B 97 4.68 9.54 -20.53
N LEU B 98 3.95 8.73 -19.79
CA LEU B 98 3.57 9.06 -18.40
C LEU B 98 4.79 9.34 -17.51
N THR B 99 5.71 8.39 -17.49
CA THR B 99 6.95 8.49 -16.74
C THR B 99 7.80 9.70 -17.17
N GLU B 100 7.96 9.90 -18.45
CA GLU B 100 8.75 10.99 -18.98
C GLU B 100 8.20 12.33 -18.45
N ARG B 101 6.89 12.46 -18.47
CA ARG B 101 6.26 13.72 -18.06
C ARG B 101 6.30 13.93 -16.53
N TYR B 102 5.96 12.90 -15.77
CA TYR B 102 5.76 13.07 -14.32
C TYR B 102 6.87 12.56 -13.41
N LEU B 103 7.74 11.71 -13.93
CA LEU B 103 8.72 11.05 -13.07
C LEU B 103 10.20 11.31 -13.43
N THR B 104 10.47 12.23 -14.34
CA THR B 104 11.85 12.67 -14.62
C THR B 104 12.15 13.99 -13.95
N THR B 105 13.33 14.11 -13.38
CA THR B 105 13.59 15.21 -12.46
C THR B 105 13.58 16.56 -13.17
N THR B 106 13.85 16.57 -14.46
CA THR B 106 13.90 17.79 -15.22
C THR B 106 12.59 18.23 -15.84
N SER B 107 11.52 17.44 -15.71
CA SER B 107 10.22 17.82 -16.27
C SER B 107 9.59 18.90 -15.42
N ALA B 108 8.94 19.86 -16.06
CA ALA B 108 8.17 20.89 -15.39
C ALA B 108 7.05 20.26 -14.55
N ASP B 109 6.59 19.06 -14.92
CA ASP B 109 5.50 18.37 -14.24
C ASP B 109 5.94 17.24 -13.28
N TYR B 110 7.24 17.17 -13.00
CA TYR B 110 7.78 16.20 -12.06
C TYR B 110 6.98 16.21 -10.75
N ILE B 111 6.57 15.02 -10.29
CA ILE B 111 5.83 14.87 -9.01
C ILE B 111 6.72 14.35 -7.87
N GLY B 112 8.03 14.45 -8.05
CA GLY B 112 9.00 13.99 -7.05
C GLY B 112 8.65 14.38 -5.62
N PRO B 113 8.30 15.65 -5.41
CA PRO B 113 8.02 16.03 -4.03
C PRO B 113 6.78 15.34 -3.44
N ILE B 114 5.75 15.10 -4.24
CA ILE B 114 4.57 14.34 -3.77
C ILE B 114 5.02 12.94 -3.33
N VAL B 115 5.77 12.27 -4.21
CA VAL B 115 6.23 10.88 -3.95
C VAL B 115 7.14 10.85 -2.71
N GLU B 116 8.04 11.83 -2.58
CA GLU B 116 8.95 11.94 -1.43
C GLU B 116 8.20 12.15 -0.12
N HIS B 117 7.28 13.10 -0.11
CA HIS B 117 6.47 13.31 1.05
C HIS B 117 5.76 12.01 1.44
N GLN B 118 5.23 11.30 0.45
CA GLN B 118 4.54 10.04 0.70
C GLN B 118 5.47 8.95 1.23
N TYR B 119 6.68 8.83 0.70
CA TYR B 119 7.54 7.79 1.22
C TYR B 119 8.15 8.11 2.57
N LEU B 120 8.25 9.39 2.90
CA LEU B 120 8.73 9.81 4.23
C LEU B 120 7.73 9.50 5.36
N GLN B 121 6.50 9.20 4.97
CA GLN B 121 5.47 8.76 5.92
C GLN B 121 5.42 7.25 6.15
N TRP B 122 6.21 6.47 5.42
CA TRP B 122 6.11 5.00 5.42
C TRP B 122 6.12 4.41 6.82
N ASP B 123 7.06 4.86 7.63
CA ASP B 123 7.20 4.34 8.98
C ASP B 123 6.22 4.85 10.01
N ASN B 124 5.48 5.90 9.67
CA ASN B 124 4.47 6.47 10.54
C ASN B 124 3.20 5.65 10.64
N TRP B 125 2.78 5.08 9.51
CA TRP B 125 1.50 4.37 9.44
C TRP B 125 1.41 3.12 10.31
N PRO B 126 2.50 2.34 10.44
CA PRO B 126 2.42 1.19 11.35
C PRO B 126 2.39 1.58 12.81
N ARG B 127 2.51 2.87 13.10
CA ARG B 127 2.46 3.36 14.48
C ARG B 127 1.09 3.90 14.90
N LEU B 128 0.06 3.55 14.14
CA LEU B 128 -1.31 3.92 14.45
C LEU B 128 -1.72 3.65 15.88
N GLY B 129 -1.30 2.49 16.42
CA GLY B 129 -1.59 2.11 17.82
C GLY B 129 -1.07 3.11 18.85
N GLU B 130 0.13 3.59 18.62
CA GLU B 130 0.73 4.64 19.45
CA GLU B 130 0.73 4.63 19.46
C GLU B 130 0.01 5.98 19.33
N ILE B 131 -0.28 6.39 18.10
CA ILE B 131 -1.00 7.64 17.85
C ILE B 131 -2.37 7.67 18.51
N LEU B 132 -3.05 6.55 18.43
CA LEU B 132 -4.42 6.46 18.94
C LEU B 132 -4.43 6.63 20.46
N ARG B 133 -3.34 6.23 21.09
CA ARG B 133 -3.23 6.22 22.55
C ARG B 133 -2.50 7.45 23.08
N SER B 134 -2.13 8.38 22.21
CA SER B 134 -1.36 9.55 22.64
C SER B 134 -2.20 10.84 22.61
N GLU B 135 -2.20 11.55 23.74
CA GLU B 135 -2.82 12.88 23.81
C GLU B 135 -1.89 14.00 23.28
N LYS B 136 -0.62 13.66 23.08
CA LYS B 136 0.38 14.65 22.71
C LYS B 136 1.02 14.30 21.36
N PRO B 137 1.62 15.29 20.69
CA PRO B 137 2.25 14.98 19.42
C PRO B 137 3.37 13.98 19.56
N LEU B 138 3.52 13.14 18.55
CA LEU B 138 4.64 12.24 18.48
C LEU B 138 5.72 12.86 17.61
N ALA B 139 6.92 12.32 17.71
CA ALA B 139 8.11 12.90 17.06
C ALA B 139 7.99 12.93 15.52
N PHE B 140 7.29 11.97 14.94
CA PHE B 140 7.15 11.96 13.47
C PHE B 140 6.02 12.86 13.00
N GLN B 141 5.16 13.33 13.90
CA GLN B 141 4.04 14.18 13.46
C GLN B 141 4.54 15.57 13.05
N GLN B 142 3.82 16.24 12.14
CA GLN B 142 4.35 17.44 11.47
C GLN B 142 4.87 18.49 12.42
N GLU B 143 4.13 18.75 13.49
CA GLU B 143 4.49 19.85 14.39
C GLU B 143 5.82 19.61 15.09
N SER B 144 6.28 18.36 15.16
CA SER B 144 7.59 18.04 15.75
C SER B 144 8.63 17.85 14.66
N ARG B 145 8.33 16.97 13.70
CA ARG B 145 9.29 16.62 12.64
CA ARG B 145 9.28 16.62 12.64
C ARG B 145 9.73 17.85 11.87
N PHE B 146 8.80 18.71 11.51
CA PHE B 146 9.14 19.86 10.68
C PHE B 146 9.96 20.93 11.41
N ALA B 147 10.05 20.85 12.75
CA ALA B 147 10.99 21.68 13.52
C ALA B 147 12.43 21.19 13.43
N HIS B 148 12.62 19.92 13.05
CA HIS B 148 13.93 19.26 13.10
C HIS B 148 14.37 18.63 11.78
N ASP B 149 13.43 18.44 10.83
CA ASP B 149 13.68 17.72 9.57
C ASP B 149 13.28 18.60 8.39
N THR B 150 14.24 19.38 7.90
CA THR B 150 13.99 20.38 6.88
C THR B 150 13.61 19.72 5.55
N ARG B 151 14.28 18.61 5.20
CA ARG B 151 13.92 17.85 4.00
CA ARG B 151 13.91 17.84 4.02
C ARG B 151 12.43 17.43 4.04
N ALA B 152 11.97 16.88 5.15
CA ALA B 152 10.58 16.45 5.25
C ALA B 152 9.62 17.63 5.15
N ARG B 153 9.93 18.72 5.86
CA ARG B 153 9.11 19.93 5.79
C ARG B 153 8.96 20.44 4.35
N ASP B 154 10.09 20.54 3.65
CA ASP B 154 10.11 21.04 2.27
C ASP B 154 9.39 20.12 1.26
N ALA B 155 9.55 18.80 1.39
CA ALA B 155 8.80 17.86 0.54
C ALA B 155 7.30 18.05 0.75
N PHE B 156 6.89 18.15 1.99
CA PHE B 156 5.46 18.39 2.28
C PHE B 156 4.97 19.69 1.61
N ASN B 157 5.66 20.80 1.84
CA ASN B 157 5.24 22.08 1.29
C ASN B 157 5.17 22.06 -0.24
N ASP B 158 6.23 21.60 -0.89
CA ASP B 158 6.25 21.50 -2.36
C ASP B 158 5.17 20.53 -2.87
N ALA B 159 4.88 19.49 -2.09
CA ALA B 159 3.81 18.57 -2.45
C ALA B 159 2.44 19.25 -2.38
N VAL B 161 1.82 22.40 -2.71
CA VAL B 161 1.77 23.40 -3.75
C VAL B 161 1.18 22.78 -5.00
N ARG B 162 1.66 21.59 -5.37
CA ARG B 162 1.22 20.93 -6.58
C ARG B 162 -0.23 20.37 -6.46
N LEU B 163 -0.53 19.80 -5.30
CA LEU B 163 -1.82 19.16 -5.07
C LEU B 163 -2.95 20.21 -4.88
N SER B 164 -2.60 21.43 -4.50
CA SER B 164 -3.60 22.47 -4.26
C SER B 164 -4.10 23.15 -5.57
N GLN B 165 -3.40 22.94 -6.68
CA GLN B 165 -3.62 23.77 -7.87
CA GLN B 165 -3.61 23.74 -7.88
C GLN B 165 -5.06 23.76 -8.38
N PRO B 166 -5.73 22.59 -8.39
CA PRO B 166 -7.14 22.64 -8.90
C PRO B 166 -8.08 23.53 -8.07
N VAL B 168 -7.00 25.97 -6.02
CA VAL B 168 -6.46 27.33 -6.17
C VAL B 168 -7.11 28.09 -7.33
N ASP B 169 -7.26 27.43 -8.47
CA ASP B 169 -7.91 28.02 -9.65
C ASP B 169 -9.36 28.40 -9.38
N VAL B 170 -10.08 27.53 -8.67
CA VAL B 170 -11.48 27.78 -8.37
C VAL B 170 -11.57 28.99 -7.44
N VAL B 171 -10.81 28.97 -6.35
CA VAL B 171 -10.80 30.10 -5.43
C VAL B 171 -10.44 31.44 -6.08
N SER B 172 -9.44 31.44 -6.95
CA SER B 172 -8.98 32.68 -7.59
C SER B 172 -10.04 33.35 -8.47
N GLU B 173 -10.99 32.57 -8.97
CA GLU B 173 -12.03 33.09 -9.86
C GLU B 173 -13.30 33.56 -9.15
N LEU B 174 -13.34 33.53 -7.81
CA LEU B 174 -14.51 33.92 -7.06
C LEU B 174 -14.81 35.41 -7.19
N GLY B 175 -16.09 35.75 -7.15
CA GLY B 175 -16.54 37.13 -7.37
C GLY B 175 -16.30 38.09 -6.22
N VAL B 176 -16.12 37.59 -4.99
CA VAL B 176 -15.83 38.45 -3.83
C VAL B 176 -14.56 39.26 -4.03
N PHE B 177 -13.64 38.76 -4.87
CA PHE B 177 -12.38 39.46 -5.07
C PHE B 177 -12.52 40.61 -6.04
N ALA B 178 -13.52 40.55 -6.93
CA ALA B 178 -13.73 41.58 -7.97
C ALA B 178 -13.70 42.97 -7.39
N ARG B 179 -14.27 43.12 -6.20
CA ARG B 179 -14.44 44.43 -5.59
C ARG B 179 -13.76 44.61 -4.21
N ALA B 180 -12.88 43.70 -3.84
CA ALA B 180 -12.03 43.85 -2.65
C ALA B 180 -10.75 44.64 -2.96
N ARG B 181 -10.07 45.08 -1.89
CA ARG B 181 -8.69 45.61 -1.93
C ARG B 181 -7.66 44.80 -1.10
N THR B 182 -8.09 44.19 -0.01
CA THR B 182 -7.15 43.52 0.91
C THR B 182 -7.59 42.11 1.25
N VAL B 183 -6.61 41.22 1.36
CA VAL B 183 -6.87 39.81 1.63
C VAL B 183 -5.92 39.30 2.73
N ILE B 184 -6.45 38.53 3.68
CA ILE B 184 -5.63 37.81 4.66
C ILE B 184 -5.83 36.30 4.51
N ASP B 185 -4.71 35.58 4.37
CA ASP B 185 -4.70 34.15 4.19
C ASP B 185 -4.20 33.54 5.51
N LEU B 186 -5.12 32.99 6.29
CA LEU B 186 -4.81 32.44 7.60
C LEU B 186 -4.36 30.99 7.45
N ALA B 187 -3.27 30.65 8.12
CA ALA B 187 -2.63 29.34 8.03
C ALA B 187 -2.35 29.10 6.56
N GLY B 188 -1.90 30.13 5.87
CA GLY B 188 -1.81 30.10 4.40
C GLY B 188 -0.64 29.24 3.94
N GLY B 189 0.40 29.17 4.75
CA GLY B 189 1.51 28.23 4.51
C GLY B 189 2.23 28.57 3.21
N HIS B 190 2.24 27.63 2.27
CA HIS B 190 2.89 27.89 1.00
C HIS B 190 2.31 29.09 0.23
N GLY B 191 1.09 29.50 0.55
CA GLY B 191 0.54 30.75 0.01
C GLY B 191 0.07 30.73 -1.43
N THR B 192 -0.04 29.55 -2.03
CA THR B 192 -0.42 29.45 -3.45
C THR B 192 -1.81 29.99 -3.74
N TYR B 193 -2.75 29.85 -2.81
CA TYR B 193 -4.09 30.38 -3.04
C TYR B 193 -4.08 31.91 -3.16
N LEU B 194 -3.41 32.55 -2.20
CA LEU B 194 -3.28 33.99 -2.16
C LEU B 194 -2.56 34.47 -3.42
N ALA B 195 -1.51 33.76 -3.82
CA ALA B 195 -0.72 34.19 -4.97
C ALA B 195 -1.57 34.22 -6.26
N GLN B 196 -2.31 33.16 -6.51
CA GLN B 196 -3.15 33.12 -7.70
C GLN B 196 -4.28 34.14 -7.65
N VAL B 197 -4.82 34.36 -6.46
CA VAL B 197 -5.84 35.39 -6.27
C VAL B 197 -5.30 36.79 -6.65
N LEU B 198 -4.13 37.12 -6.14
CA LEU B 198 -3.47 38.39 -6.50
C LEU B 198 -3.06 38.47 -7.98
N ARG B 199 -2.61 37.35 -8.55
CA ARG B 199 -2.26 37.36 -9.99
C ARG B 199 -3.51 37.73 -10.81
N ARG B 200 -4.65 37.15 -10.44
CA ARG B 200 -5.91 37.37 -11.17
C ARG B 200 -6.49 38.76 -10.92
N HIS B 201 -6.24 39.32 -9.74
CA HIS B 201 -6.87 40.59 -9.33
C HIS B 201 -5.81 41.62 -8.95
N PRO B 202 -5.35 42.41 -9.94
CA PRO B 202 -4.16 43.26 -9.74
C PRO B 202 -4.32 44.33 -8.68
N GLN B 203 -5.56 44.66 -8.30
CA GLN B 203 -5.83 45.69 -7.29
C GLN B 203 -5.60 45.24 -5.83
N LEU B 204 -5.49 43.93 -5.60
CA LEU B 204 -5.44 43.38 -4.26
C LEU B 204 -4.02 43.39 -3.70
N THR B 205 -3.91 43.64 -2.40
CA THR B 205 -2.74 43.28 -1.61
C THR B 205 -3.13 42.28 -0.54
N GLY B 206 -2.14 41.57 -0.02
CA GLY B 206 -2.39 40.48 0.89
C GLY B 206 -1.42 40.31 2.03
N GLN B 207 -1.85 39.47 2.98
CA GLN B 207 -1.00 39.00 4.07
C GLN B 207 -1.16 37.52 4.27
N ILE B 208 -0.05 36.85 4.54
CA ILE B 208 -0.07 35.48 5.01
C ILE B 208 0.26 35.42 6.51
N TRP B 209 -0.61 34.76 7.28
CA TRP B 209 -0.43 34.62 8.72
C TRP B 209 -0.21 33.14 9.00
N ASP B 210 0.98 32.77 9.45
CA ASP B 210 1.24 31.35 9.76
C ASP B 210 2.46 31.22 10.69
N LEU B 211 2.82 29.98 10.98
CA LEU B 211 3.89 29.69 11.92
C LEU B 211 5.23 29.82 11.19
N PRO B 212 6.32 30.01 11.96
CA PRO B 212 7.67 30.15 11.41
C PRO B 212 8.12 29.06 10.46
N THR B 213 7.69 27.83 10.66
CA THR B 213 8.07 26.73 9.81
C THR B 213 7.54 26.82 8.37
N THR B 214 6.58 27.70 8.10
CA THR B 214 6.05 27.87 6.76
C THR B 214 6.61 29.10 6.01
N ARG B 215 7.43 29.91 6.68
CA ARG B 215 7.89 31.17 6.12
C ARG B 215 8.71 30.99 4.84
N ASP B 216 9.64 30.03 4.81
CA ASP B 216 10.43 29.75 3.59
C ASP B 216 9.54 29.34 2.41
N ALA B 217 8.54 28.49 2.67
CA ALA B 217 7.58 28.07 1.64
C ALA B 217 6.82 29.29 1.13
N ALA B 218 6.35 30.13 2.06
CA ALA B 218 5.61 31.34 1.67
C ALA B 218 6.48 32.28 0.84
N ARG B 219 7.72 32.51 1.26
CA ARG B 219 8.60 33.38 0.47
C ARG B 219 8.85 32.87 -0.96
N LYS B 220 9.06 31.57 -1.09
CA LYS B 220 9.32 30.96 -2.39
C LYS B 220 8.15 31.30 -3.34
N THR B 221 6.94 31.13 -2.83
CA THR B 221 5.73 31.43 -3.60
C THR B 221 5.60 32.91 -3.92
N ILE B 222 5.81 33.76 -2.92
CA ILE B 222 5.75 35.22 -3.10
C ILE B 222 6.73 35.68 -4.18
N HIS B 223 7.98 35.28 -4.07
CA HIS B 223 8.99 35.67 -5.04
C HIS B 223 8.81 35.02 -6.42
N ALA B 224 8.33 33.78 -6.46
CA ALA B 224 8.08 33.12 -7.76
C ALA B 224 7.08 33.91 -8.63
N HIS B 225 6.14 34.60 -7.98
CA HIS B 225 5.13 35.38 -8.68
C HIS B 225 5.36 36.89 -8.58
N ASP B 226 6.60 37.28 -8.25
CA ASP B 226 6.98 38.68 -7.99
C ASP B 226 5.93 39.48 -7.21
N LEU B 227 5.54 38.90 -6.08
CA LEU B 227 4.50 39.45 -5.26
C LEU B 227 5.03 40.11 -3.99
N GLY B 228 6.35 40.31 -3.90
CA GLY B 228 6.99 40.92 -2.72
C GLY B 228 6.50 42.31 -2.33
N GLY B 229 6.04 43.10 -3.28
CA GLY B 229 5.51 44.42 -2.97
C GLY B 229 4.08 44.40 -2.47
N ARG B 230 3.36 43.32 -2.76
CA ARG B 230 1.94 43.22 -2.51
C ARG B 230 1.56 42.24 -1.38
N VAL B 231 2.52 41.43 -0.91
CA VAL B 231 2.27 40.44 0.15
C VAL B 231 3.27 40.53 1.28
N GLU B 232 2.76 40.50 2.51
CA GLU B 232 3.57 40.44 3.72
C GLU B 232 3.28 39.17 4.50
N PHE B 233 4.35 38.51 4.92
CA PHE B 233 4.26 37.37 5.80
C PHE B 233 4.33 37.83 7.26
N PHE B 234 3.42 37.30 8.08
CA PHE B 234 3.39 37.58 9.51
C PHE B 234 3.41 36.28 10.29
N GLU B 235 4.35 36.16 11.24
CA GLU B 235 4.40 35.02 12.12
C GLU B 235 3.24 35.11 13.10
N LYS B 236 2.30 34.19 13.01
CA LYS B 236 1.11 34.27 13.84
C LYS B 236 0.64 32.89 14.29
N ASN B 237 0.31 32.78 15.56
CA ASN B 237 -0.35 31.61 16.13
C ASN B 237 -1.88 31.87 16.10
N LEU B 238 -2.62 31.08 15.34
CA LEU B 238 -4.05 31.32 15.14
C LEU B 238 -4.92 31.03 16.38
N LEU B 239 -4.37 30.32 17.35
CA LEU B 239 -5.09 30.08 18.60
C LEU B 239 -4.95 31.20 19.64
N ASP B 240 -4.09 32.17 19.36
CA ASP B 240 -3.88 33.33 20.27
C ASP B 240 -4.70 34.53 19.82
N ALA B 241 -5.77 34.83 20.54
CA ALA B 241 -6.68 35.91 20.17
C ALA B 241 -5.99 37.26 20.02
N ARG B 242 -4.94 37.49 20.81
CA ARG B 242 -4.19 38.73 20.77
C ARG B 242 -3.58 39.06 19.40
N ASN B 243 -3.24 38.03 18.63
CA ASN B 243 -2.67 38.19 17.29
C ASN B 243 -3.63 38.79 16.26
N PHE B 244 -4.91 38.82 16.58
CA PHE B 244 -5.92 39.28 15.64
C PHE B 244 -6.27 40.76 15.81
N GLU B 245 -5.90 41.32 16.96
CA GLU B 245 -6.24 42.70 17.28
C GLU B 245 -5.65 43.64 16.25
N GLY B 246 -6.44 44.58 15.75
CA GLY B 246 -5.98 45.53 14.75
C GLY B 246 -6.16 45.05 13.31
N GLY B 247 -6.25 43.74 13.12
CA GLY B 247 -6.33 43.18 11.78
C GLY B 247 -7.67 43.44 11.12
N ALA B 248 -7.65 43.60 9.81
CA ALA B 248 -8.86 43.79 9.02
C ALA B 248 -8.56 43.57 7.55
N ALA B 249 -9.44 42.84 6.87
CA ALA B 249 -9.34 42.63 5.43
C ALA B 249 -10.71 42.51 4.80
N ASP B 250 -10.83 42.86 3.53
CA ASP B 250 -12.07 42.66 2.78
C ASP B 250 -12.39 41.16 2.63
N VAL B 251 -11.36 40.37 2.39
CA VAL B 251 -11.51 38.91 2.32
C VAL B 251 -10.54 38.21 3.24
N VAL B 252 -11.04 37.25 4.02
CA VAL B 252 -10.21 36.46 4.92
C VAL B 252 -10.39 34.99 4.51
N LEU B 254 -9.40 30.75 5.07
CA LEU B 254 -8.96 29.55 5.77
C LEU B 254 -9.07 28.41 4.73
N ASN B 255 -8.02 28.23 3.96
CA ASN B 255 -8.06 27.28 2.83
C ASN B 255 -7.46 25.94 3.25
N ASP B 256 -8.30 24.91 3.35
CA ASP B 256 -7.81 23.53 3.50
C ASP B 256 -6.90 23.42 4.72
N CYS B 257 -7.33 24.02 5.84
CA CYS B 257 -6.50 24.08 7.05
C CYS B 257 -7.18 23.85 8.41
N LEU B 258 -8.51 23.86 8.50
CA LEU B 258 -9.17 23.66 9.80
C LEU B 258 -8.99 22.24 10.38
N HIS B 259 -8.61 21.30 9.53
CA HIS B 259 -8.38 19.92 9.97
C HIS B 259 -7.09 19.71 10.76
N TYR B 260 -6.34 20.80 11.00
CA TYR B 260 -5.21 20.77 11.92
C TYR B 260 -5.61 21.00 13.40
N PHE B 261 -6.89 21.26 13.67
CA PHE B 261 -7.34 21.68 15.01
C PHE B 261 -8.43 20.76 15.47
N ASP B 262 -8.56 20.59 16.78
CA ASP B 262 -9.72 19.87 17.30
C ASP B 262 -10.94 20.78 17.26
N ALA B 263 -12.11 20.24 17.59
CA ALA B 263 -13.36 21.01 17.46
C ALA B 263 -13.34 22.35 18.25
N ARG B 264 -12.93 22.29 19.51
CA ARG B 264 -12.87 23.53 20.33
C ARG B 264 -11.96 24.55 19.66
N GLU B 265 -10.80 24.09 19.24
CA GLU B 265 -9.82 24.95 18.60
C GLU B 265 -10.35 25.51 17.29
N ALA B 266 -10.93 24.65 16.47
CA ALA B 266 -11.44 25.09 15.18
C ALA B 266 -12.51 26.17 15.37
N ARG B 267 -13.32 26.02 16.41
CA ARG B 267 -14.37 27.01 16.71
C ARG B 267 -13.75 28.35 17.05
N GLU B 268 -12.71 28.34 17.88
CA GLU B 268 -12.01 29.58 18.23
C GLU B 268 -11.37 30.23 17.00
N VAL B 269 -10.71 29.43 16.14
CA VAL B 269 -10.05 29.95 14.95
C VAL B 269 -11.07 30.55 13.98
N ILE B 270 -12.22 29.90 13.80
CA ILE B 270 -13.25 30.44 12.89
C ILE B 270 -13.78 31.77 13.41
N GLY B 271 -14.06 31.84 14.72
CA GLY B 271 -14.45 33.10 15.36
C GLY B 271 -13.41 34.21 15.20
N HIS B 272 -12.15 33.90 15.41
CA HIS B 272 -11.10 34.91 15.21
C HIS B 272 -11.02 35.39 13.74
N ALA B 273 -11.16 34.45 12.84
CA ALA B 273 -11.10 34.71 11.41
C ALA B 273 -12.27 35.64 11.00
N ALA B 274 -13.46 35.31 11.48
CA ALA B 274 -14.63 36.09 11.15
C ALA B 274 -14.48 37.53 11.63
N GLY B 275 -13.82 37.72 12.78
CA GLY B 275 -13.58 39.01 13.34
C GLY B 275 -12.68 39.90 12.51
N LEU B 276 -11.84 39.28 11.69
CA LEU B 276 -10.94 40.02 10.82
C LEU B 276 -11.65 40.57 9.61
N VAL B 277 -12.83 40.06 9.30
CA VAL B 277 -13.53 40.46 8.09
C VAL B 277 -14.15 41.85 8.25
N LYS B 278 -13.79 42.77 7.36
CA LYS B 278 -14.40 44.09 7.37
C LYS B 278 -15.89 44.03 7.00
N PRO B 279 -16.67 45.00 7.45
CA PRO B 279 -18.09 45.13 7.04
C PRO B 279 -18.18 45.06 5.53
N GLY B 280 -19.11 44.28 5.00
CA GLY B 280 -19.27 44.09 3.58
C GLY B 280 -18.39 43.01 2.99
N GLY B 281 -17.41 42.55 3.75
CA GLY B 281 -16.48 41.54 3.26
C GLY B 281 -16.90 40.10 3.44
N ALA B 282 -15.96 39.21 3.22
CA ALA B 282 -16.24 37.79 3.26
C ALA B 282 -15.14 36.95 3.90
N LEU B 283 -15.58 35.92 4.62
CA LEU B 283 -14.73 34.83 5.05
C LEU B 283 -14.91 33.65 4.08
N LEU B 284 -13.82 33.13 3.56
CA LEU B 284 -13.82 31.94 2.73
C LEU B 284 -13.23 30.77 3.47
N ILE B 285 -13.97 29.69 3.56
CA ILE B 285 -13.43 28.45 4.09
C ILE B 285 -13.53 27.35 3.03
N LEU B 286 -12.41 26.78 2.65
CA LEU B 286 -12.33 25.62 1.79
C LEU B 286 -12.05 24.40 2.67
N THR B 287 -12.95 23.44 2.65
CA THR B 287 -12.82 22.24 3.48
C THR B 287 -13.27 20.99 2.73
N THR B 289 -15.31 18.02 1.96
CA THR B 289 -16.69 17.78 2.33
C THR B 289 -16.82 16.57 3.25
N ASN B 291 -19.99 14.82 5.69
CA ASN B 291 -21.34 14.87 6.23
C ASN B 291 -21.33 14.63 7.74
N ASP B 292 -22.43 15.00 8.37
CA ASP B 292 -22.59 14.83 9.82
C ASP B 292 -22.37 13.39 10.32
N ASP B 293 -22.64 12.39 9.47
CA ASP B 293 -22.47 10.99 9.90
C ASP B 293 -20.98 10.57 9.96
N ARG B 294 -20.14 11.38 9.35
CA ARG B 294 -18.69 11.23 9.40
C ARG B 294 -18.16 10.00 8.67
N VAL B 295 -19.01 9.33 7.91
CA VAL B 295 -18.58 8.16 7.14
C VAL B 295 -18.77 8.43 5.64
N THR B 296 -19.45 9.52 5.30
CA THR B 296 -19.72 9.89 3.92
C THR B 296 -19.36 11.34 3.68
N PRO B 297 -18.79 11.68 2.51
CA PRO B 297 -18.23 10.85 1.41
C PRO B 297 -17.13 9.92 1.94
N ALA B 298 -16.94 8.72 1.38
CA ALA B 298 -16.02 7.75 2.02
C ALA B 298 -14.57 8.21 2.08
N LEU B 299 -14.13 8.86 1.00
CA LEU B 299 -12.73 9.31 0.98
C LEU B 299 -12.50 10.40 2.06
N SER B 300 -13.57 11.03 2.53
CA SER B 300 -13.37 12.04 3.58
C SER B 300 -13.04 11.41 4.95
N ALA B 301 -13.67 10.28 5.28
CA ALA B 301 -13.31 9.55 6.49
C ALA B 301 -11.85 9.12 6.46
N ASP B 302 -11.38 8.72 5.26
CA ASP B 302 -9.96 8.39 5.06
C ASP B 302 -9.04 9.58 5.27
N PHE B 303 -9.44 10.74 4.75
CA PHE B 303 -8.67 11.94 4.91
C PHE B 303 -8.60 12.33 6.38
N SER B 304 -9.71 12.18 7.12
CA SER B 304 -9.71 12.49 8.56
C SER B 304 -8.65 11.67 9.29
N LEU B 305 -8.61 10.37 9.05
CA LEU B 305 -7.58 9.49 9.62
C LEU B 305 -6.17 9.88 9.17
N HIS B 306 -5.98 10.17 7.88
CA HIS B 306 -4.70 10.64 7.34
C HIS B 306 -4.22 11.85 8.15
N VAL B 309 -2.99 10.85 11.59
CA VAL B 309 -1.66 10.34 11.52
C VAL B 309 -0.64 11.48 11.40
N ASN B 310 -0.93 12.48 10.59
CA ASN B 310 0.03 13.55 10.31
C ASN B 310 0.24 14.55 11.46
N THR B 311 -0.80 14.80 12.26
CA THR B 311 -0.71 15.83 13.29
C THR B 311 -1.59 15.49 14.50
N ASN B 312 -1.19 15.91 15.71
CA ASN B 312 -1.87 15.49 16.94
C ASN B 312 -3.39 15.65 16.91
N HIS B 313 -3.87 16.85 16.59
CA HIS B 313 -5.32 17.11 16.57
C HIS B 313 -5.90 16.99 15.15
N GLY B 314 -5.23 16.28 14.28
CA GLY B 314 -5.72 16.10 12.91
C GLY B 314 -7.09 15.46 12.90
N GLU B 315 -8.03 16.07 12.16
CA GLU B 315 -9.43 15.64 12.13
C GLU B 315 -10.22 16.49 11.18
N LEU B 316 -10.98 15.85 10.31
CA LEU B 316 -11.85 16.59 9.42
C LEU B 316 -13.20 16.77 10.08
N HIS B 317 -13.61 18.00 10.27
CA HIS B 317 -14.85 18.34 10.94
C HIS B 317 -16.00 18.37 9.93
N PRO B 318 -17.20 17.95 10.39
CA PRO B 318 -18.32 17.97 9.43
C PRO B 318 -18.56 19.38 8.91
N THR B 319 -18.80 19.43 7.60
CA THR B 319 -19.01 20.66 6.89
C THR B 319 -20.21 21.45 7.46
N PRO B 320 -21.34 20.77 7.74
CA PRO B 320 -22.44 21.53 8.33
C PRO B 320 -22.10 22.17 9.69
N TRP B 321 -21.27 21.51 10.48
CA TRP B 321 -20.85 22.07 11.74
C TRP B 321 -19.98 23.35 11.53
N ILE B 322 -19.03 23.27 10.58
CA ILE B 322 -18.21 24.42 10.23
C ILE B 322 -19.10 25.56 9.82
N ALA B 323 -20.06 25.28 8.93
CA ALA B 323 -20.99 26.30 8.45
C ALA B 323 -21.76 26.95 9.62
N GLY B 324 -22.20 26.14 10.56
CA GLY B 324 -22.96 26.64 11.71
C GLY B 324 -22.12 27.57 12.58
N VAL B 325 -20.83 27.24 12.73
CA VAL B 325 -19.92 28.12 13.47
C VAL B 325 -19.77 29.50 12.81
N VAL B 326 -19.64 29.53 11.48
CA VAL B 326 -19.56 30.76 10.72
C VAL B 326 -20.84 31.59 10.89
N ARG B 327 -21.98 30.95 10.81
CA ARG B 327 -23.28 31.59 11.12
C ARG B 327 -23.32 32.16 12.53
N ASP B 328 -22.91 31.39 13.52
CA ASP B 328 -22.86 31.90 14.89
C ASP B 328 -22.04 33.19 15.01
N ALA B 329 -21.04 33.36 14.13
CA ALA B 329 -20.14 34.49 14.17
C ALA B 329 -20.77 35.70 13.51
N GLY B 330 -21.95 35.52 12.97
CA GLY B 330 -22.72 36.61 12.44
C GLY B 330 -22.63 36.71 10.93
N LEU B 331 -22.03 35.74 10.26
CA LEU B 331 -21.89 35.78 8.81
C LEU B 331 -22.96 34.91 8.12
N ALA B 332 -23.51 35.40 7.00
CA ALA B 332 -24.46 34.64 6.23
C ALA B 332 -23.67 33.71 5.32
N VAL B 333 -23.97 32.42 5.42
CA VAL B 333 -23.17 31.41 4.73
C VAL B 333 -23.76 30.95 3.40
N GLY B 334 -22.98 31.10 2.35
CA GLY B 334 -23.26 30.50 1.04
C GLY B 334 -22.34 29.29 0.90
N GLU B 335 -22.83 28.23 0.28
CA GLU B 335 -22.15 26.95 0.24
CA GLU B 335 -22.10 26.97 0.23
C GLU B 335 -22.04 26.52 -1.22
N ARG B 336 -20.87 26.05 -1.64
CA ARG B 336 -20.76 25.42 -2.93
C ARG B 336 -19.82 24.22 -2.88
N SER B 337 -20.21 23.20 -3.63
CA SER B 337 -19.58 21.89 -3.63
C SER B 337 -18.80 21.81 -4.91
N ILE B 338 -17.49 21.66 -4.80
CA ILE B 338 -16.61 21.50 -5.96
C ILE B 338 -15.72 20.25 -5.80
N GLY B 339 -15.97 19.21 -6.57
CA GLY B 339 -15.24 17.97 -6.41
C GLY B 339 -15.42 17.47 -4.98
N ARG B 340 -14.32 17.05 -4.35
CA ARG B 340 -14.34 16.51 -2.99
C ARG B 340 -14.43 17.62 -1.91
N TYR B 341 -14.44 18.88 -2.34
CA TYR B 341 -14.43 20.02 -1.42
C TYR B 341 -15.71 20.83 -1.41
N THR B 342 -15.91 21.52 -0.28
CA THR B 342 -16.96 22.52 -0.13
C THR B 342 -16.29 23.86 0.15
N LEU B 343 -16.78 24.88 -0.56
CA LEU B 343 -16.37 26.24 -0.32
C LEU B 343 -17.51 26.93 0.40
N LEU B 344 -17.21 27.40 1.59
CA LEU B 344 -18.15 28.16 2.39
C LEU B 344 -17.77 29.62 2.27
N ILE B 345 -18.74 30.45 1.93
CA ILE B 345 -18.51 31.88 1.80
C ILE B 345 -19.36 32.55 2.87
N GLY B 346 -18.71 33.08 3.90
CA GLY B 346 -19.35 33.76 4.98
C GLY B 346 -19.38 35.28 4.77
N GLN B 347 -20.55 35.83 4.50
CA GLN B 347 -20.69 37.25 4.11
C GLN B 347 -20.96 38.08 5.36
N ARG B 348 -20.13 39.10 5.60
CA ARG B 348 -20.38 40.04 6.69
C ARG B 348 -21.21 41.18 6.15
N SER B 349 -22.21 41.59 6.91
CA SER B 349 -23.02 42.75 6.53
C SER B 349 -22.23 44.07 6.44
N SER B 350 -22.61 44.90 5.48
CA SER B 350 -22.15 46.27 5.38
C SER B 350 -22.77 47.10 6.52
N GLY B 351 -22.05 48.15 6.93
CA GLY B 351 -22.55 49.10 7.90
C GLY B 351 -22.14 48.85 9.35
N GLU B 352 -21.65 47.66 9.72
CA GLU B 352 -21.64 47.27 11.15
C GLU B 352 -20.86 48.16 12.14
#